data_9FRV
#
_entry.id   9FRV
#
_cell.length_a   46.749
_cell.length_b   134.590
_cell.length_c   145.081
_cell.angle_alpha   90.00
_cell.angle_beta   90.00
_cell.angle_gamma   90.00
#
_symmetry.space_group_name_H-M   'P 21 21 21'
#
loop_
_entity.id
_entity.type
_entity.pdbx_description
1 polymer 'Arginase-2, mitochondrial'
2 non-polymer 'MANGANESE (II) ION'
3 non-polymer [(4~{S},5~{S})-4-(aminomethyl)-5-azanyl-6-oxidanyl-6-oxidanylidene-hexyl]-$l^{3}-oxidanyl-bis(oxidanyl)boron
4 water water
#
_entity_poly.entity_id   1
_entity_poly.type   'polypeptide(L)'
_entity_poly.pdbx_seq_one_letter_code
;MHHHHHHGGGENLYFQSVHSVAVIGAPFSQGQKRKGVEHGPAAIREAGLMKRLSSLGCHLKDFGDLSFTPVPKDDLYNNL
IVNPRSVGLANQELAEVVSRAVSDGYSCVTLGGDHSLAIGTISGHARHCPDLCVVWVDAHADINTPLTTSSGNLHGQPVS
FLLRELQDKVPQLPGFSWIKPCISSASIVYIGLRDVDPPEHFILKNYDIQYFSMRDIDRLGIQKVMERTFDLLIGKRQRP
IHLSFDIDAFDPTLAPATGTPVVGGLTYREGMYIAEEIHNTGLLSALDLVEVNPQLATSEEEAKTTANLAVDVIASSFGQ
TREGGHIVYDQLPTPS
;
_entity_poly.pdbx_strand_id   A,B,C
#
loop_
_chem_comp.id
_chem_comp.type
_chem_comp.name
_chem_comp.formula
A1IFX non-polymer [(4~{S},5~{S})-4-(aminomethyl)-5-azanyl-6-oxidanyl-6-oxidanylidene-hexyl]-$l^{3}-oxidanyl-bis(oxidanyl)boron 'C7 H18 B N2 O5 -1'
MN non-polymer 'MANGANESE (II) ION' 'Mn 2'
#
# COMPACT_ATOMS: atom_id res chain seq x y z
N VAL A 18 10.11 -22.26 -22.78
CA VAL A 18 10.43 -21.52 -24.00
C VAL A 18 9.13 -21.15 -24.73
N HIS A 19 8.97 -19.84 -25.02
CA HIS A 19 7.80 -19.28 -25.70
C HIS A 19 8.24 -18.41 -26.87
N SER A 20 7.59 -18.58 -28.03
CA SER A 20 7.88 -17.77 -29.22
C SER A 20 7.15 -16.44 -29.04
N VAL A 21 7.90 -15.34 -28.92
CA VAL A 21 7.30 -14.04 -28.64
C VAL A 21 7.64 -13.02 -29.72
N ALA A 22 6.59 -12.35 -30.26
CA ALA A 22 6.72 -11.30 -31.27
C ALA A 22 6.50 -9.95 -30.62
N VAL A 23 7.31 -8.96 -30.98
CA VAL A 23 7.20 -7.62 -30.39
C VAL A 23 6.89 -6.59 -31.46
N ILE A 24 5.78 -5.86 -31.30
CA ILE A 24 5.35 -4.80 -32.20
C ILE A 24 5.23 -3.53 -31.39
N GLY A 25 5.80 -2.45 -31.94
CA GLY A 25 5.71 -1.11 -31.36
C GLY A 25 4.75 -0.30 -32.18
N ALA A 26 3.73 0.28 -31.55
CA ALA A 26 2.71 1.06 -32.24
C ALA A 26 2.71 2.54 -31.81
N PRO A 27 3.62 3.38 -32.36
CA PRO A 27 3.64 4.80 -31.95
C PRO A 27 2.44 5.62 -32.47
N PHE A 28 1.29 5.43 -31.80
CA PHE A 28 0.00 6.04 -32.15
C PHE A 28 -0.62 6.84 -31.00
N SER A 29 -1.05 8.08 -31.29
CA SER A 29 -1.64 9.00 -30.31
C SER A 29 -3.04 9.54 -30.66
N GLN A 30 -3.54 9.28 -31.87
CA GLN A 30 -4.83 9.81 -32.34
C GLN A 30 -6.09 9.28 -31.61
N GLY A 31 -5.93 8.29 -30.72
CA GLY A 31 -7.04 7.76 -29.92
C GLY A 31 -7.42 8.65 -28.75
N GLN A 32 -6.58 9.66 -28.46
CA GLN A 32 -6.78 10.67 -27.42
C GLN A 32 -6.14 12.03 -27.82
N LYS A 33 -6.13 13.03 -26.92
CA LYS A 33 -5.61 14.37 -27.22
C LYS A 33 -4.24 14.68 -26.63
N ARG A 34 -3.88 14.08 -25.48
CA ARG A 34 -2.59 14.34 -24.82
C ARG A 34 -1.41 13.72 -25.59
N LYS A 35 -0.52 14.60 -26.09
CA LYS A 35 0.64 14.18 -26.90
C LYS A 35 1.79 13.60 -26.06
N GLY A 36 2.43 12.57 -26.61
CA GLY A 36 3.56 11.89 -25.99
C GLY A 36 3.45 10.38 -25.89
N VAL A 37 2.21 9.84 -25.96
CA VAL A 37 1.94 8.40 -25.81
C VAL A 37 2.56 7.57 -26.97
N GLU A 38 2.84 8.25 -28.11
CA GLU A 38 3.50 7.67 -29.27
C GLU A 38 4.97 7.28 -28.93
N HIS A 39 5.60 7.97 -27.96
CA HIS A 39 6.98 7.68 -27.53
C HIS A 39 7.07 6.54 -26.50
N GLY A 40 5.93 5.90 -26.23
CA GLY A 40 5.77 4.77 -25.32
C GLY A 40 6.52 3.54 -25.74
N PRO A 41 6.32 3.00 -26.99
CA PRO A 41 7.09 1.82 -27.41
C PRO A 41 8.61 2.00 -27.31
N ALA A 42 9.11 3.21 -27.64
CA ALA A 42 10.53 3.57 -27.58
C ALA A 42 11.07 3.49 -26.15
N ALA A 43 10.35 4.12 -25.19
CA ALA A 43 10.68 4.17 -23.77
C ALA A 43 10.60 2.82 -23.06
N ILE A 44 9.76 1.87 -23.56
CA ILE A 44 9.66 0.51 -23.01
C ILE A 44 10.87 -0.27 -23.54
N ARG A 45 11.24 -0.06 -24.83
CA ARG A 45 12.40 -0.69 -25.47
C ARG A 45 13.69 -0.22 -24.79
N GLU A 46 13.81 1.12 -24.54
CA GLU A 46 14.94 1.79 -23.88
C GLU A 46 15.12 1.34 -22.44
N ALA A 47 14.09 0.70 -21.86
CA ALA A 47 14.08 0.13 -20.52
C ALA A 47 14.52 -1.36 -20.57
N GLY A 48 15.09 -1.75 -21.71
CA GLY A 48 15.64 -3.08 -21.97
C GLY A 48 14.64 -4.21 -22.03
N LEU A 49 13.57 -4.03 -22.82
CA LEU A 49 12.50 -5.01 -22.99
C LEU A 49 12.98 -6.31 -23.65
N MET A 50 13.64 -6.17 -24.83
CA MET A 50 14.14 -7.29 -25.63
C MET A 50 15.18 -8.08 -24.84
N LYS A 51 16.11 -7.35 -24.19
CA LYS A 51 17.19 -7.91 -23.34
C LYS A 51 16.59 -8.77 -22.21
N ARG A 52 15.53 -8.25 -21.54
CA ARG A 52 14.82 -8.95 -20.46
C ARG A 52 14.07 -10.18 -20.98
N LEU A 53 13.44 -10.05 -22.16
CA LEU A 53 12.69 -11.15 -22.79
C LEU A 53 13.64 -12.29 -23.19
N SER A 54 14.84 -11.94 -23.70
CA SER A 54 15.87 -12.91 -24.09
C SER A 54 16.34 -13.71 -22.89
N SER A 55 16.65 -13.00 -21.77
CA SER A 55 17.15 -13.56 -20.50
C SER A 55 16.20 -14.58 -19.84
N LEU A 56 14.95 -14.67 -20.33
CA LEU A 56 13.94 -15.61 -19.83
C LEU A 56 13.83 -16.83 -20.74
N GLY A 57 14.49 -16.77 -21.90
CA GLY A 57 14.52 -17.84 -22.89
C GLY A 57 13.36 -17.81 -23.87
N CYS A 58 13.08 -16.62 -24.44
CA CYS A 58 12.00 -16.41 -25.41
C CYS A 58 12.55 -16.30 -26.84
N HIS A 59 11.99 -17.10 -27.76
CA HIS A 59 12.36 -17.07 -29.18
C HIS A 59 11.74 -15.79 -29.77
N LEU A 60 12.53 -14.72 -29.81
CA LEU A 60 12.08 -13.39 -30.24
C LEU A 60 11.98 -13.15 -31.74
N LYS A 61 11.12 -12.17 -32.11
CA LYS A 61 10.90 -11.66 -33.46
C LYS A 61 10.43 -10.22 -33.39
N ASP A 62 11.39 -9.29 -33.44
CA ASP A 62 11.18 -7.85 -33.40
C ASP A 62 10.54 -7.39 -34.72
N PHE A 63 9.23 -7.09 -34.69
CA PHE A 63 8.46 -6.63 -35.85
C PHE A 63 8.67 -5.13 -36.13
N GLY A 64 9.38 -4.45 -35.23
CA GLY A 64 9.71 -3.03 -35.35
C GLY A 64 8.64 -2.07 -34.88
N ASP A 65 8.92 -0.76 -35.04
CA ASP A 65 8.04 0.36 -34.69
C ASP A 65 7.35 0.86 -35.96
N LEU A 66 6.12 0.35 -36.19
CA LEU A 66 5.25 0.63 -37.35
C LEU A 66 5.07 2.10 -37.66
N SER A 67 5.06 2.43 -38.94
CA SER A 67 4.83 3.80 -39.43
C SER A 67 3.47 3.76 -40.12
N PHE A 68 2.44 4.29 -39.43
CA PHE A 68 1.06 4.30 -39.93
C PHE A 68 0.83 5.36 -41.00
N THR A 69 -0.10 5.05 -41.94
CA THR A 69 -0.48 5.96 -43.03
C THR A 69 -1.40 7.04 -42.44
N PRO A 70 -0.97 8.32 -42.43
CA PRO A 70 -1.84 9.36 -41.85
C PRO A 70 -2.95 9.81 -42.79
N VAL A 71 -3.99 10.44 -42.22
CA VAL A 71 -5.14 10.97 -42.96
C VAL A 71 -5.06 12.51 -42.88
N PRO A 72 -4.98 13.24 -44.02
CA PRO A 72 -4.89 14.72 -43.95
C PRO A 72 -6.21 15.38 -43.55
N LYS A 73 -7.32 14.92 -44.16
CA LYS A 73 -8.67 15.41 -43.90
C LYS A 73 -9.42 14.38 -43.04
N ASP A 74 -9.30 14.54 -41.72
CA ASP A 74 -9.94 13.70 -40.71
C ASP A 74 -10.14 14.52 -39.43
N ASP A 75 -11.29 15.19 -39.33
CA ASP A 75 -11.58 16.00 -38.16
C ASP A 75 -12.80 15.53 -37.40
N LEU A 76 -13.22 16.35 -36.39
CA LEU A 76 -14.35 16.14 -35.49
C LEU A 76 -15.61 15.69 -36.22
N TYR A 77 -16.03 14.44 -35.96
CA TYR A 77 -17.19 13.79 -36.57
C TYR A 77 -18.40 13.90 -35.65
N ASN A 78 -19.51 14.44 -36.18
CA ASN A 78 -20.78 14.70 -35.46
C ASN A 78 -20.56 15.49 -34.14
N ASN A 79 -19.69 16.54 -34.20
CA ASN A 79 -19.28 17.43 -33.10
C ASN A 79 -18.89 16.67 -31.80
N LEU A 80 -18.33 15.44 -31.96
CA LEU A 80 -17.98 14.58 -30.84
C LEU A 80 -16.69 13.75 -31.05
N ILE A 81 -16.73 12.72 -31.93
CA ILE A 81 -15.64 11.78 -32.22
C ILE A 81 -14.42 12.47 -32.83
N VAL A 82 -13.30 12.40 -32.10
CA VAL A 82 -12.02 12.99 -32.48
C VAL A 82 -11.20 11.99 -33.30
N ASN A 83 -10.72 12.46 -34.47
CA ASN A 83 -9.88 11.77 -35.45
C ASN A 83 -10.29 10.28 -35.71
N PRO A 84 -11.51 9.97 -36.26
CA PRO A 84 -11.87 8.55 -36.46
C PRO A 84 -11.20 7.84 -37.64
N ARG A 85 -11.03 8.53 -38.80
CA ARG A 85 -10.41 7.93 -39.99
C ARG A 85 -8.96 7.50 -39.75
N SER A 86 -8.24 8.25 -38.88
CA SER A 86 -6.87 7.97 -38.48
C SER A 86 -6.83 6.74 -37.58
N VAL A 87 -7.71 6.71 -36.54
CA VAL A 87 -7.82 5.61 -35.56
C VAL A 87 -8.13 4.28 -36.26
N GLY A 88 -9.13 4.28 -37.15
CA GLY A 88 -9.58 3.12 -37.89
C GLY A 88 -8.57 2.51 -38.86
N LEU A 89 -7.87 3.38 -39.63
CA LEU A 89 -6.87 2.95 -40.61
C LEU A 89 -5.63 2.37 -39.94
N ALA A 90 -5.13 3.06 -38.87
CA ALA A 90 -3.97 2.65 -38.09
C ALA A 90 -4.24 1.30 -37.43
N ASN A 91 -5.48 1.09 -36.98
CA ASN A 91 -5.89 -0.16 -36.35
C ASN A 91 -5.99 -1.27 -37.38
N GLN A 92 -6.37 -0.91 -38.63
CA GLN A 92 -6.49 -1.85 -39.72
C GLN A 92 -5.12 -2.45 -40.06
N GLU A 93 -4.12 -1.56 -40.29
CA GLU A 93 -2.72 -1.90 -40.60
C GLU A 93 -2.11 -2.77 -39.48
N LEU A 94 -2.39 -2.41 -38.20
CA LEU A 94 -1.94 -3.12 -37.01
C LEU A 94 -2.54 -4.52 -36.92
N ALA A 95 -3.82 -4.68 -37.26
CA ALA A 95 -4.49 -5.99 -37.23
C ALA A 95 -3.86 -6.98 -38.22
N GLU A 96 -3.28 -6.48 -39.33
CA GLU A 96 -2.60 -7.31 -40.32
C GLU A 96 -1.29 -7.86 -39.74
N VAL A 97 -0.50 -6.97 -39.09
CA VAL A 97 0.79 -7.30 -38.46
C VAL A 97 0.56 -8.30 -37.30
N VAL A 98 -0.50 -8.07 -36.50
CA VAL A 98 -0.88 -8.94 -35.38
C VAL A 98 -1.27 -10.32 -35.96
N SER A 99 -2.08 -10.31 -37.04
CA SER A 99 -2.54 -11.48 -37.79
C SER A 99 -1.34 -12.31 -38.28
N ARG A 100 -0.32 -11.64 -38.85
CA ARG A 100 0.92 -12.26 -39.33
C ARG A 100 1.68 -12.94 -38.18
N ALA A 101 1.84 -12.23 -37.04
CA ALA A 101 2.54 -12.70 -35.85
C ALA A 101 1.89 -13.93 -35.23
N VAL A 102 0.56 -13.89 -35.00
CA VAL A 102 -0.22 -14.98 -34.40
C VAL A 102 -0.22 -16.23 -35.30
N SER A 103 -0.46 -16.03 -36.62
CA SER A 103 -0.50 -17.11 -37.64
C SER A 103 0.80 -17.94 -37.72
N ASP A 104 1.96 -17.29 -37.52
CA ASP A 104 3.28 -17.95 -37.53
C ASP A 104 3.46 -18.87 -36.31
N GLY A 105 2.92 -18.46 -35.17
CA GLY A 105 2.99 -19.21 -33.91
C GLY A 105 3.59 -18.44 -32.75
N TYR A 106 3.61 -17.11 -32.86
CA TYR A 106 4.15 -16.21 -31.85
C TYR A 106 3.06 -15.64 -30.91
N SER A 107 3.44 -15.37 -29.65
CA SER A 107 2.61 -14.72 -28.64
C SER A 107 2.89 -13.23 -28.85
N CYS A 108 1.90 -12.51 -29.39
CA CYS A 108 2.02 -11.14 -29.85
C CYS A 108 2.02 -10.06 -28.74
N VAL A 109 3.17 -9.40 -28.56
CA VAL A 109 3.32 -8.29 -27.61
C VAL A 109 3.21 -6.99 -28.38
N THR A 110 2.28 -6.14 -27.95
CA THR A 110 2.11 -4.85 -28.61
C THR A 110 2.33 -3.74 -27.63
N LEU A 111 3.16 -2.79 -28.02
CA LEU A 111 3.47 -1.63 -27.21
C LEU A 111 2.76 -0.42 -27.76
N GLY A 112 2.07 0.28 -26.88
CA GLY A 112 1.35 1.51 -27.20
C GLY A 112 2.03 2.73 -26.60
N GLY A 113 1.52 3.93 -26.88
CA GLY A 113 0.33 4.17 -27.67
C GLY A 113 -0.93 4.11 -26.82
N ASP A 114 -2.01 4.79 -27.27
CA ASP A 114 -3.28 4.80 -26.56
C ASP A 114 -4.04 3.46 -26.64
N HIS A 115 -5.11 3.29 -25.83
CA HIS A 115 -5.86 2.03 -25.78
C HIS A 115 -6.81 1.79 -26.97
N SER A 116 -6.88 2.73 -27.94
CA SER A 116 -7.68 2.54 -29.16
C SER A 116 -7.04 1.44 -30.03
N LEU A 117 -5.77 1.13 -29.75
CA LEU A 117 -4.98 0.12 -30.46
C LEU A 117 -5.45 -1.31 -30.21
N ALA A 118 -6.27 -1.53 -29.17
CA ALA A 118 -6.80 -2.85 -28.85
C ALA A 118 -7.85 -3.29 -29.88
N ILE A 119 -8.44 -2.33 -30.66
CA ILE A 119 -9.35 -2.62 -31.77
C ILE A 119 -8.55 -3.48 -32.76
N GLY A 120 -7.37 -3.00 -33.14
CA GLY A 120 -6.43 -3.67 -34.02
C GLY A 120 -5.88 -4.98 -33.50
N THR A 121 -5.31 -4.98 -32.28
CA THR A 121 -4.70 -6.18 -31.70
C THR A 121 -5.72 -7.32 -31.46
N ILE A 122 -6.93 -7.02 -30.95
CA ILE A 122 -7.95 -8.04 -30.71
C ILE A 122 -8.56 -8.54 -32.03
N SER A 123 -8.77 -7.65 -33.01
CA SER A 123 -9.30 -8.02 -34.34
C SER A 123 -8.36 -8.99 -35.08
N GLY A 124 -7.07 -8.63 -35.13
CA GLY A 124 -6.02 -9.43 -35.75
C GLY A 124 -5.82 -10.76 -35.06
N HIS A 125 -5.98 -10.79 -33.73
CA HIS A 125 -5.86 -12.01 -32.93
C HIS A 125 -7.05 -12.95 -33.19
N ALA A 126 -8.25 -12.37 -33.37
CA ALA A 126 -9.50 -13.08 -33.65
C ALA A 126 -9.50 -13.82 -34.97
N ARG A 127 -8.75 -13.29 -35.96
CA ARG A 127 -8.58 -13.88 -37.30
C ARG A 127 -8.02 -15.30 -37.28
N HIS A 128 -7.34 -15.69 -36.19
CA HIS A 128 -6.75 -17.01 -36.04
C HIS A 128 -7.31 -17.74 -34.84
N CYS A 129 -7.78 -16.96 -33.86
CA CYS A 129 -8.35 -17.47 -32.63
C CYS A 129 -9.84 -17.24 -32.51
N PRO A 130 -10.67 -18.26 -32.82
CA PRO A 130 -12.12 -18.09 -32.72
C PRO A 130 -12.62 -18.04 -31.28
N ASP A 131 -12.08 -18.90 -30.41
CA ASP A 131 -12.47 -19.01 -29.02
C ASP A 131 -11.60 -18.17 -28.10
N LEU A 132 -11.09 -17.02 -28.58
CA LEU A 132 -10.25 -16.18 -27.71
C LEU A 132 -11.08 -15.47 -26.63
N CYS A 133 -10.44 -15.25 -25.48
CA CYS A 133 -11.00 -14.56 -24.33
C CYS A 133 -10.07 -13.43 -23.96
N VAL A 134 -10.62 -12.35 -23.38
CA VAL A 134 -9.83 -11.17 -23.02
C VAL A 134 -9.79 -10.93 -21.49
N VAL A 135 -8.66 -10.41 -20.99
CA VAL A 135 -8.44 -9.95 -19.62
C VAL A 135 -8.05 -8.48 -19.83
N TRP A 136 -8.95 -7.57 -19.42
CA TRP A 136 -8.73 -6.14 -19.58
C TRP A 136 -8.39 -5.52 -18.23
N VAL A 137 -7.09 -5.27 -18.02
CA VAL A 137 -6.58 -4.68 -16.79
C VAL A 137 -6.37 -3.19 -17.10
N ASP A 138 -7.16 -2.35 -16.43
CA ASP A 138 -7.23 -0.91 -16.65
C ASP A 138 -7.99 -0.27 -15.49
N ALA A 139 -7.88 1.06 -15.36
CA ALA A 139 -8.62 1.86 -14.39
C ALA A 139 -10.02 2.11 -14.99
N HIS A 140 -10.11 2.06 -16.36
CA HIS A 140 -11.30 2.34 -17.15
C HIS A 140 -11.87 1.12 -17.88
N ALA A 141 -13.15 1.19 -18.28
CA ALA A 141 -13.83 0.12 -19.03
C ALA A 141 -13.60 0.17 -20.55
N ASP A 142 -13.37 1.38 -21.12
CA ASP A 142 -13.13 1.63 -22.56
C ASP A 142 -14.21 1.00 -23.48
N ILE A 143 -15.46 0.98 -22.98
CA ILE A 143 -16.64 0.35 -23.59
C ILE A 143 -17.68 1.39 -24.05
N ASN A 144 -17.33 2.69 -24.00
CA ASN A 144 -18.22 3.75 -24.47
C ASN A 144 -18.42 3.53 -25.95
N THR A 145 -19.64 3.75 -26.45
CA THR A 145 -19.87 3.62 -27.89
C THR A 145 -19.59 5.02 -28.49
N PRO A 146 -19.52 5.19 -29.83
CA PRO A 146 -19.35 6.57 -30.37
C PRO A 146 -20.55 7.49 -30.04
N LEU A 147 -21.60 6.92 -29.40
CA LEU A 147 -22.81 7.63 -29.00
C LEU A 147 -22.88 7.99 -27.51
N THR A 148 -22.24 7.19 -26.64
CA THR A 148 -22.25 7.42 -25.18
C THR A 148 -21.09 8.26 -24.68
N THR A 149 -19.99 8.34 -25.44
CA THR A 149 -18.80 9.12 -25.08
C THR A 149 -19.10 10.63 -24.85
N SER A 150 -18.41 11.22 -23.85
CA SER A 150 -18.53 12.64 -23.52
C SER A 150 -17.33 13.43 -24.06
N SER A 151 -16.17 12.76 -24.13
CA SER A 151 -14.89 13.31 -24.59
C SER A 151 -14.73 13.23 -26.10
N GLY A 152 -15.14 12.10 -26.68
CA GLY A 152 -15.01 11.83 -28.10
C GLY A 152 -13.73 11.07 -28.44
N ASN A 153 -12.85 10.92 -27.44
CA ASN A 153 -11.56 10.24 -27.48
C ASN A 153 -11.77 8.74 -27.61
N LEU A 154 -11.34 8.19 -28.76
CA LEU A 154 -11.56 6.80 -29.14
C LEU A 154 -10.82 5.74 -28.32
N HIS A 155 -9.85 6.14 -27.47
CA HIS A 155 -9.11 5.23 -26.59
C HIS A 155 -9.98 4.68 -25.43
N GLY A 156 -11.16 5.28 -25.23
CA GLY A 156 -12.14 4.88 -24.22
C GLY A 156 -13.39 4.28 -24.83
N GLN A 157 -13.27 3.82 -26.07
CA GLN A 157 -14.33 3.22 -26.88
C GLN A 157 -14.01 1.82 -27.50
N PRO A 158 -12.73 1.32 -27.55
CA PRO A 158 -12.44 0.05 -28.25
C PRO A 158 -13.31 -1.17 -27.99
N VAL A 159 -13.79 -1.40 -26.76
CA VAL A 159 -14.56 -2.62 -26.48
C VAL A 159 -15.94 -2.62 -27.18
N SER A 160 -16.53 -1.43 -27.44
CA SER A 160 -17.83 -1.31 -28.11
C SER A 160 -17.84 -1.87 -29.54
N PHE A 161 -16.74 -1.65 -30.28
CA PHE A 161 -16.53 -2.13 -31.65
C PHE A 161 -16.31 -3.64 -31.74
N LEU A 162 -15.67 -4.21 -30.71
CA LEU A 162 -15.29 -5.62 -30.65
C LEU A 162 -16.37 -6.54 -30.07
N LEU A 163 -17.23 -6.00 -29.20
CA LEU A 163 -18.31 -6.75 -28.58
C LEU A 163 -19.50 -6.93 -29.52
N ARG A 164 -19.96 -8.19 -29.67
CA ARG A 164 -21.06 -8.61 -30.54
C ARG A 164 -22.42 -8.11 -30.10
N GLU A 165 -22.69 -8.14 -28.78
CA GLU A 165 -23.95 -7.70 -28.19
C GLU A 165 -24.18 -6.19 -28.37
N LEU A 166 -23.09 -5.43 -28.67
CA LEU A 166 -23.14 -3.99 -28.89
C LEU A 166 -23.18 -3.57 -30.36
N GLN A 167 -23.12 -4.55 -31.31
CA GLN A 167 -23.15 -4.29 -32.76
C GLN A 167 -24.26 -3.28 -33.17
N ASP A 168 -25.51 -3.58 -32.77
CA ASP A 168 -26.71 -2.78 -33.02
C ASP A 168 -26.72 -1.41 -32.32
N LYS A 169 -25.82 -1.18 -31.33
CA LYS A 169 -25.71 0.09 -30.61
C LYS A 169 -24.55 0.99 -31.13
N VAL A 170 -23.68 0.44 -32.00
CA VAL A 170 -22.50 1.15 -32.51
C VAL A 170 -22.73 1.70 -33.93
N PRO A 171 -22.70 3.05 -34.10
CA PRO A 171 -22.87 3.63 -35.45
C PRO A 171 -21.67 3.39 -36.36
N GLN A 172 -21.92 3.32 -37.68
CA GLN A 172 -20.87 3.16 -38.68
C GLN A 172 -20.05 4.45 -38.77
N LEU A 173 -18.80 4.33 -38.30
CA LEU A 173 -17.82 5.42 -38.23
C LEU A 173 -16.92 5.40 -39.47
N PRO A 174 -16.44 6.58 -39.95
CA PRO A 174 -15.55 6.59 -41.11
C PRO A 174 -14.17 5.97 -40.81
N GLY A 175 -13.81 4.96 -41.60
CA GLY A 175 -12.58 4.21 -41.44
C GLY A 175 -12.71 2.98 -40.55
N PHE A 176 -13.94 2.72 -40.06
CA PHE A 176 -14.26 1.61 -39.15
C PHE A 176 -15.07 0.49 -39.81
N SER A 177 -15.29 0.59 -41.15
CA SER A 177 -16.06 -0.36 -41.94
C SER A 177 -15.44 -1.78 -42.04
N TRP A 178 -14.13 -1.90 -41.79
CA TRP A 178 -13.38 -3.17 -41.85
C TRP A 178 -13.57 -4.06 -40.62
N ILE A 179 -13.92 -3.46 -39.46
CA ILE A 179 -14.13 -4.17 -38.20
C ILE A 179 -15.40 -5.03 -38.24
N LYS A 180 -15.35 -6.16 -37.54
CA LYS A 180 -16.43 -7.11 -37.37
C LYS A 180 -16.37 -7.60 -35.90
N PRO A 181 -17.45 -7.44 -35.10
CA PRO A 181 -17.41 -7.90 -33.71
C PRO A 181 -17.00 -9.37 -33.58
N CYS A 182 -16.00 -9.64 -32.74
CA CYS A 182 -15.37 -10.95 -32.57
C CYS A 182 -15.40 -11.52 -31.16
N ILE A 183 -15.74 -10.69 -30.15
CA ILE A 183 -15.80 -11.14 -28.77
C ILE A 183 -17.19 -10.98 -28.19
N SER A 184 -17.61 -11.95 -27.34
CA SER A 184 -18.90 -11.92 -26.66
C SER A 184 -18.73 -11.34 -25.24
N SER A 185 -19.85 -10.97 -24.59
CA SER A 185 -19.90 -10.39 -23.24
C SER A 185 -19.32 -11.29 -22.16
N ALA A 186 -19.49 -12.62 -22.31
CA ALA A 186 -18.99 -13.64 -21.39
C ALA A 186 -17.48 -13.89 -21.58
N SER A 187 -16.90 -13.42 -22.69
CA SER A 187 -15.49 -13.62 -23.05
C SER A 187 -14.54 -12.49 -22.64
N ILE A 188 -15.03 -11.45 -21.95
CA ILE A 188 -14.16 -10.37 -21.51
C ILE A 188 -14.36 -10.11 -20.02
N VAL A 189 -13.26 -10.15 -19.24
CA VAL A 189 -13.24 -9.88 -17.80
C VAL A 189 -12.33 -8.67 -17.58
N TYR A 190 -12.79 -7.72 -16.75
CA TYR A 190 -12.05 -6.52 -16.40
C TYR A 190 -11.48 -6.65 -15.00
N ILE A 191 -10.31 -6.03 -14.76
CA ILE A 191 -9.63 -6.01 -13.46
C ILE A 191 -9.07 -4.59 -13.21
N GLY A 192 -9.40 -4.05 -12.04
CA GLY A 192 -8.92 -2.78 -11.55
C GLY A 192 -9.70 -1.52 -11.88
N LEU A 193 -10.97 -1.65 -12.28
CA LEU A 193 -11.81 -0.49 -12.62
C LEU A 193 -12.00 0.45 -11.42
N ARG A 194 -11.98 1.78 -11.67
CA ARG A 194 -12.16 2.81 -10.62
C ARG A 194 -12.68 4.16 -11.15
N ASP A 195 -12.70 4.35 -12.48
CA ASP A 195 -13.19 5.55 -13.14
C ASP A 195 -14.11 5.11 -14.30
N VAL A 196 -15.33 4.71 -13.95
CA VAL A 196 -16.32 4.22 -14.92
C VAL A 196 -17.42 5.26 -15.18
N ASP A 197 -17.64 5.61 -16.47
CA ASP A 197 -18.69 6.55 -16.87
C ASP A 197 -20.09 5.91 -16.66
N PRO A 198 -21.17 6.71 -16.37
CA PRO A 198 -22.49 6.09 -16.17
C PRO A 198 -22.97 5.22 -17.35
N PRO A 199 -22.78 5.57 -18.65
CA PRO A 199 -23.19 4.64 -19.72
C PRO A 199 -22.38 3.34 -19.75
N GLU A 200 -21.10 3.41 -19.33
CA GLU A 200 -20.17 2.27 -19.28
C GLU A 200 -20.65 1.28 -18.23
N HIS A 201 -21.10 1.80 -17.07
CA HIS A 201 -21.65 1.02 -15.96
C HIS A 201 -22.90 0.27 -16.41
N PHE A 202 -23.77 0.94 -17.23
CA PHE A 202 -24.98 0.33 -17.77
C PHE A 202 -24.63 -0.85 -18.67
N ILE A 203 -23.70 -0.65 -19.63
CA ILE A 203 -23.25 -1.70 -20.54
C ILE A 203 -22.74 -2.93 -19.74
N LEU A 204 -21.86 -2.70 -18.74
CA LEU A 204 -21.28 -3.75 -17.92
C LEU A 204 -22.32 -4.58 -17.22
N LYS A 205 -23.21 -3.92 -16.44
CA LYS A 205 -24.28 -4.54 -15.65
C LYS A 205 -25.34 -5.21 -16.51
N ASN A 206 -25.84 -4.48 -17.52
CA ASN A 206 -26.90 -4.93 -18.41
C ASN A 206 -26.54 -6.18 -19.22
N TYR A 207 -25.36 -6.16 -19.86
CA TYR A 207 -24.88 -7.24 -20.71
C TYR A 207 -24.12 -8.34 -19.97
N ASP A 208 -24.07 -8.26 -18.63
CA ASP A 208 -23.41 -9.20 -17.74
C ASP A 208 -21.90 -9.33 -18.00
N ILE A 209 -21.25 -8.20 -18.34
CA ILE A 209 -19.80 -8.18 -18.54
C ILE A 209 -19.18 -8.23 -17.14
N GLN A 210 -18.54 -9.35 -16.81
CA GLN A 210 -17.95 -9.56 -15.49
C GLN A 210 -16.72 -8.70 -15.25
N TYR A 211 -16.65 -8.11 -14.09
CA TYR A 211 -15.53 -7.25 -13.73
C TYR A 211 -15.17 -7.35 -12.27
N PHE A 212 -13.94 -6.94 -11.94
CA PHE A 212 -13.40 -6.87 -10.61
C PHE A 212 -12.77 -5.50 -10.54
N SER A 213 -13.46 -4.60 -9.83
CA SER A 213 -13.05 -3.22 -9.66
C SER A 213 -12.11 -3.14 -8.47
N MET A 214 -11.40 -1.99 -8.29
CA MET A 214 -10.54 -1.79 -7.13
C MET A 214 -11.24 -2.21 -5.85
N ARG A 215 -12.55 -1.91 -5.73
CA ARG A 215 -13.43 -2.27 -4.62
C ARG A 215 -13.53 -3.79 -4.39
N ASP A 216 -13.69 -4.57 -5.47
CA ASP A 216 -13.76 -6.03 -5.46
C ASP A 216 -12.42 -6.62 -5.05
N ILE A 217 -11.31 -5.92 -5.39
CA ILE A 217 -9.94 -6.29 -5.07
C ILE A 217 -9.73 -6.07 -3.56
N ASP A 218 -10.22 -4.90 -3.04
CA ASP A 218 -10.17 -4.52 -1.63
C ASP A 218 -10.91 -5.53 -0.79
N ARG A 219 -12.05 -6.01 -1.30
CA ARG A 219 -12.91 -6.98 -0.63
C ARG A 219 -12.28 -8.38 -0.66
N LEU A 220 -12.30 -9.01 -1.83
CA LEU A 220 -11.85 -10.38 -2.12
C LEU A 220 -10.36 -10.64 -2.10
N GLY A 221 -9.57 -9.74 -2.68
CA GLY A 221 -8.13 -9.92 -2.81
C GLY A 221 -7.79 -10.47 -4.19
N ILE A 222 -6.65 -10.02 -4.75
CA ILE A 222 -6.16 -10.36 -6.08
C ILE A 222 -6.02 -11.89 -6.34
N GLN A 223 -5.88 -12.74 -5.30
CA GLN A 223 -5.82 -14.19 -5.47
C GLN A 223 -7.19 -14.69 -5.93
N LYS A 224 -8.27 -14.33 -5.21
CA LYS A 224 -9.64 -14.70 -5.54
C LYS A 224 -10.06 -14.08 -6.87
N VAL A 225 -9.64 -12.83 -7.14
CA VAL A 225 -9.89 -12.09 -8.40
C VAL A 225 -9.42 -12.91 -9.62
N MET A 226 -8.18 -13.42 -9.59
CA MET A 226 -7.62 -14.22 -10.68
C MET A 226 -8.28 -15.59 -10.76
N GLU A 227 -8.50 -16.25 -9.59
CA GLU A 227 -9.19 -17.55 -9.48
C GLU A 227 -10.56 -17.48 -10.13
N ARG A 228 -11.32 -16.40 -9.83
CA ARG A 228 -12.65 -16.13 -10.37
C ARG A 228 -12.61 -15.76 -11.85
N THR A 229 -11.63 -14.92 -12.28
CA THR A 229 -11.44 -14.51 -13.69
C THR A 229 -11.27 -15.74 -14.60
N PHE A 230 -10.33 -16.63 -14.27
CA PHE A 230 -10.04 -17.84 -15.03
C PHE A 230 -11.18 -18.86 -14.98
N ASP A 231 -12.04 -18.81 -13.94
CA ASP A 231 -13.20 -19.69 -13.84
C ASP A 231 -14.24 -19.25 -14.87
N LEU A 232 -14.38 -17.93 -15.02
CA LEU A 232 -15.33 -17.31 -15.96
C LEU A 232 -14.92 -17.56 -17.40
N LEU A 233 -13.63 -17.33 -17.70
CA LEU A 233 -13.12 -17.46 -19.05
C LEU A 233 -12.73 -18.86 -19.48
N ILE A 234 -11.83 -19.52 -18.74
CA ILE A 234 -11.32 -20.84 -19.16
C ILE A 234 -11.66 -21.97 -18.17
N GLY A 235 -12.78 -21.83 -17.48
CA GLY A 235 -13.24 -22.82 -16.52
C GLY A 235 -13.82 -24.08 -17.12
N LYS A 236 -14.45 -23.96 -18.31
CA LYS A 236 -15.07 -25.07 -19.02
C LYS A 236 -14.18 -25.65 -20.14
N ARG A 237 -13.34 -24.79 -20.77
CA ARG A 237 -12.45 -25.20 -21.86
C ARG A 237 -11.23 -24.26 -21.98
N GLN A 238 -10.10 -24.79 -22.46
CA GLN A 238 -8.87 -24.04 -22.71
C GLN A 238 -9.09 -23.07 -23.87
N ARG A 239 -8.53 -21.86 -23.77
CA ARG A 239 -8.75 -20.80 -24.78
C ARG A 239 -7.53 -19.90 -24.87
N PRO A 240 -7.21 -19.29 -26.03
CA PRO A 240 -6.08 -18.35 -26.06
C PRO A 240 -6.45 -17.05 -25.34
N ILE A 241 -5.53 -16.54 -24.50
CA ILE A 241 -5.77 -15.34 -23.70
C ILE A 241 -5.15 -14.08 -24.29
N HIS A 242 -5.99 -13.09 -24.55
CA HIS A 242 -5.54 -11.78 -24.95
C HIS A 242 -5.52 -10.98 -23.65
N LEU A 243 -4.34 -10.45 -23.30
CA LEU A 243 -4.18 -9.65 -22.11
C LEU A 243 -4.00 -8.21 -22.54
N SER A 244 -5.01 -7.40 -22.29
CA SER A 244 -4.99 -5.98 -22.61
C SER A 244 -4.73 -5.29 -21.29
N PHE A 245 -3.48 -4.82 -21.12
CA PHE A 245 -3.02 -4.19 -19.90
C PHE A 245 -2.68 -2.72 -20.13
N ASP A 246 -3.45 -1.83 -19.49
CA ASP A 246 -3.25 -0.39 -19.53
C ASP A 246 -2.35 -0.04 -18.35
N ILE A 247 -1.33 0.83 -18.54
CA ILE A 247 -0.39 1.17 -17.47
C ILE A 247 -1.07 1.98 -16.37
N ASP A 248 -2.17 2.69 -16.71
CA ASP A 248 -2.94 3.47 -15.73
C ASP A 248 -3.67 2.56 -14.72
N ALA A 249 -3.72 1.22 -14.97
CA ALA A 249 -4.32 0.22 -14.05
C ALA A 249 -3.64 0.32 -12.69
N PHE A 250 -2.31 0.58 -12.68
CA PHE A 250 -1.48 0.78 -11.49
C PHE A 250 -1.67 2.21 -10.98
N ASP A 251 -1.47 2.40 -9.65
CA ASP A 251 -1.57 3.68 -8.95
C ASP A 251 -0.65 4.76 -9.57
N PRO A 252 -1.08 6.05 -9.67
CA PRO A 252 -0.22 7.09 -10.28
C PRO A 252 1.12 7.34 -9.59
N THR A 253 1.31 6.79 -8.37
CA THR A 253 2.57 6.88 -7.61
C THR A 253 3.59 5.91 -8.25
N LEU A 254 3.10 4.78 -8.83
CA LEU A 254 3.91 3.75 -9.48
C LEU A 254 4.07 3.99 -10.99
N ALA A 255 3.00 4.49 -11.66
CA ALA A 255 3.02 4.77 -13.09
C ALA A 255 2.59 6.24 -13.38
N PRO A 256 3.40 7.26 -12.96
CA PRO A 256 2.96 8.65 -13.17
C PRO A 256 2.88 9.13 -14.62
N ALA A 257 3.65 8.49 -15.53
CA ALA A 257 3.70 8.82 -16.96
C ALA A 257 2.57 8.12 -17.74
N THR A 258 1.32 8.54 -17.47
CA THR A 258 0.09 8.06 -18.10
C THR A 258 -0.82 9.28 -18.37
N GLY A 259 -1.69 9.18 -19.37
CA GLY A 259 -2.60 10.24 -19.79
C GLY A 259 -3.79 10.47 -18.88
N THR A 260 -4.33 9.38 -18.32
CA THR A 260 -5.50 9.43 -17.45
C THR A 260 -5.17 8.82 -16.08
N PRO A 261 -4.41 9.54 -15.21
CA PRO A 261 -4.08 8.97 -13.89
C PRO A 261 -5.27 9.01 -12.92
N VAL A 262 -5.63 7.83 -12.40
CA VAL A 262 -6.74 7.64 -11.46
C VAL A 262 -6.17 7.05 -10.18
N VAL A 263 -6.31 7.79 -9.08
CA VAL A 263 -5.84 7.45 -7.73
C VAL A 263 -6.53 6.19 -7.17
N GLY A 264 -5.82 5.45 -6.35
CA GLY A 264 -6.30 4.20 -5.75
C GLY A 264 -6.08 2.97 -6.61
N GLY A 265 -5.01 3.00 -7.41
CA GLY A 265 -4.66 1.91 -8.33
C GLY A 265 -4.04 0.67 -7.72
N LEU A 266 -3.64 -0.26 -8.60
CA LEU A 266 -3.00 -1.53 -8.22
C LEU A 266 -1.63 -1.28 -7.62
N THR A 267 -1.24 -2.10 -6.63
CA THR A 267 0.10 -2.02 -6.04
C THR A 267 1.00 -2.86 -6.97
N TYR A 268 2.33 -2.60 -6.95
CA TYR A 268 3.31 -3.32 -7.76
C TYR A 268 3.10 -4.83 -7.64
N ARG A 269 2.88 -5.30 -6.40
CA ARG A 269 2.65 -6.70 -6.06
C ARG A 269 1.42 -7.27 -6.70
N GLU A 270 0.36 -6.46 -6.85
CA GLU A 270 -0.91 -6.88 -7.45
C GLU A 270 -0.79 -7.08 -8.95
N GLY A 271 -0.12 -6.14 -9.62
CA GLY A 271 0.12 -6.17 -11.06
C GLY A 271 0.92 -7.37 -11.50
N MET A 272 2.01 -7.67 -10.76
CA MET A 272 2.88 -8.81 -11.01
C MET A 272 2.13 -10.09 -10.78
N TYR A 273 1.26 -10.14 -9.76
CA TYR A 273 0.45 -11.31 -9.46
C TYR A 273 -0.52 -11.62 -10.60
N ILE A 274 -1.11 -10.55 -11.22
CA ILE A 274 -2.02 -10.66 -12.36
C ILE A 274 -1.23 -11.32 -13.50
N ALA A 275 -0.10 -10.68 -13.88
CA ALA A 275 0.81 -11.13 -14.94
C ALA A 275 1.33 -12.55 -14.73
N GLU A 276 1.67 -12.91 -13.48
CA GLU A 276 2.15 -14.24 -13.09
C GLU A 276 1.10 -15.31 -13.30
N GLU A 277 -0.13 -15.03 -12.87
CA GLU A 277 -1.24 -15.98 -12.99
C GLU A 277 -1.69 -16.17 -14.43
N ILE A 278 -1.45 -15.15 -15.29
CA ILE A 278 -1.75 -15.21 -16.72
C ILE A 278 -0.76 -16.23 -17.36
N HIS A 279 0.54 -16.12 -17.00
CA HIS A 279 1.61 -17.00 -17.46
C HIS A 279 1.34 -18.44 -16.96
N ASN A 280 0.84 -18.57 -15.72
CA ASN A 280 0.57 -19.84 -15.08
C ASN A 280 -0.53 -20.67 -15.74
N THR A 281 -1.41 -20.04 -16.57
CA THR A 281 -2.44 -20.78 -17.32
C THR A 281 -1.78 -21.49 -18.50
N GLY A 282 -0.71 -20.88 -19.03
CA GLY A 282 0.05 -21.35 -20.17
C GLY A 282 -0.69 -21.05 -21.46
N LEU A 283 -1.68 -20.15 -21.40
CA LEU A 283 -2.56 -19.80 -22.51
C LEU A 283 -2.41 -18.37 -23.02
N LEU A 284 -1.41 -17.60 -22.57
CA LEU A 284 -1.19 -16.24 -23.07
C LEU A 284 -0.87 -16.31 -24.57
N SER A 285 -1.66 -15.60 -25.38
CA SER A 285 -1.50 -15.63 -26.84
C SER A 285 -1.19 -14.27 -27.45
N ALA A 286 -1.59 -13.19 -26.76
CA ALA A 286 -1.34 -11.80 -27.15
C ALA A 286 -1.43 -10.90 -25.93
N LEU A 287 -0.55 -9.91 -25.87
CA LEU A 287 -0.45 -8.96 -24.77
C LEU A 287 -0.33 -7.55 -25.32
N ASP A 288 -0.96 -6.60 -24.62
CA ASP A 288 -0.89 -5.17 -24.93
C ASP A 288 -0.48 -4.45 -23.68
N LEU A 289 0.44 -3.49 -23.84
CA LEU A 289 0.92 -2.63 -22.78
C LEU A 289 0.87 -1.24 -23.31
N VAL A 290 -0.18 -0.52 -22.90
CA VAL A 290 -0.47 0.81 -23.44
C VAL A 290 -0.46 1.93 -22.41
N GLU A 291 -0.58 3.16 -22.95
CA GLU A 291 -0.77 4.47 -22.30
C GLU A 291 0.48 4.99 -21.58
N VAL A 292 1.63 4.33 -21.77
CA VAL A 292 2.91 4.75 -21.21
C VAL A 292 3.32 6.01 -21.99
N ASN A 293 3.12 7.19 -21.37
CA ASN A 293 3.42 8.50 -21.95
C ASN A 293 4.59 9.15 -21.19
N PRO A 294 5.84 8.99 -21.66
CA PRO A 294 7.00 9.58 -20.95
C PRO A 294 7.01 11.11 -20.85
N GLN A 295 6.44 11.82 -21.84
CA GLN A 295 6.39 13.30 -21.85
C GLN A 295 5.59 13.92 -20.69
N LEU A 296 4.67 13.13 -20.07
CA LEU A 296 3.77 13.57 -19.01
C LEU A 296 4.36 13.48 -17.59
N ALA A 297 5.37 12.62 -17.35
CA ALA A 297 6.03 12.51 -16.05
C ALA A 297 6.83 13.80 -15.80
N THR A 298 6.76 14.34 -14.56
CA THR A 298 7.43 15.59 -14.16
C THR A 298 8.96 15.51 -14.25
N SER A 299 9.54 14.33 -13.92
CA SER A 299 10.99 14.10 -13.95
C SER A 299 11.39 12.96 -14.91
N GLU A 300 12.70 12.86 -15.24
CA GLU A 300 13.26 11.82 -16.11
C GLU A 300 13.18 10.46 -15.40
N GLU A 301 13.40 10.44 -14.07
CA GLU A 301 13.34 9.20 -13.28
C GLU A 301 11.91 8.67 -13.18
N GLU A 302 10.89 9.56 -13.12
CA GLU A 302 9.47 9.20 -13.10
C GLU A 302 9.02 8.59 -14.44
N ALA A 303 9.66 9.03 -15.55
CA ALA A 303 9.44 8.51 -16.90
C ALA A 303 10.02 7.09 -16.96
N LYS A 304 11.18 6.88 -16.32
CA LYS A 304 11.87 5.59 -16.23
C LYS A 304 11.13 4.61 -15.33
N THR A 305 10.51 5.11 -14.22
CA THR A 305 9.73 4.30 -13.27
C THR A 305 8.58 3.59 -13.99
N THR A 306 7.79 4.35 -14.80
CA THR A 306 6.63 3.90 -15.58
C THR A 306 7.06 2.89 -16.63
N ALA A 307 8.16 3.20 -17.35
CA ALA A 307 8.76 2.37 -18.40
C ALA A 307 9.22 1.01 -17.84
N ASN A 308 9.95 1.03 -16.71
CA ASN A 308 10.47 -0.18 -16.06
C ASN A 308 9.36 -1.05 -15.50
N LEU A 309 8.29 -0.41 -14.99
CA LEU A 309 7.11 -1.09 -14.46
C LEU A 309 6.39 -1.82 -15.61
N ALA A 310 6.33 -1.19 -16.79
CA ALA A 310 5.74 -1.79 -17.99
C ALA A 310 6.52 -3.07 -18.37
N VAL A 311 7.87 -2.96 -18.39
CA VAL A 311 8.82 -4.04 -18.70
C VAL A 311 8.62 -5.22 -17.74
N ASP A 312 8.40 -4.91 -16.45
CA ASP A 312 8.18 -5.92 -15.41
C ASP A 312 6.88 -6.71 -15.64
N VAL A 313 5.83 -6.04 -16.18
CA VAL A 313 4.53 -6.67 -16.49
C VAL A 313 4.72 -7.67 -17.61
N ILE A 314 5.27 -7.20 -18.77
CA ILE A 314 5.55 -8.05 -19.93
C ILE A 314 6.39 -9.26 -19.51
N ALA A 315 7.46 -9.02 -18.72
CA ALA A 315 8.37 -10.04 -18.19
C ALA A 315 7.67 -11.06 -17.30
N SER A 316 6.88 -10.59 -16.31
CA SER A 316 6.13 -11.44 -15.39
C SER A 316 5.10 -12.30 -16.11
N SER A 317 4.56 -11.76 -17.22
CA SER A 317 3.59 -12.42 -18.09
C SER A 317 4.23 -13.58 -18.87
N PHE A 318 5.57 -13.55 -19.06
CA PHE A 318 6.31 -14.58 -19.78
C PHE A 318 7.29 -15.41 -18.91
N GLY A 319 6.99 -15.55 -17.62
CA GLY A 319 7.81 -16.40 -16.76
C GLY A 319 8.52 -15.81 -15.56
N GLN A 320 8.89 -14.51 -15.63
CA GLN A 320 9.56 -13.83 -14.50
C GLN A 320 8.66 -13.89 -13.26
N THR A 321 9.26 -14.27 -12.12
CA THR A 321 8.51 -14.42 -10.87
C THR A 321 9.28 -13.82 -9.68
N ARG A 322 8.67 -13.90 -8.48
CA ARG A 322 9.25 -13.42 -7.21
C ARG A 322 10.00 -14.57 -6.55
N GLU A 323 9.58 -15.82 -6.80
CA GLU A 323 10.20 -17.04 -6.29
C GLU A 323 11.57 -17.34 -6.95
N GLY A 324 11.78 -16.85 -8.17
CA GLY A 324 13.00 -17.02 -8.95
C GLY A 324 13.23 -18.41 -9.51
N GLY A 325 12.19 -18.98 -10.13
CA GLY A 325 12.23 -20.32 -10.72
C GLY A 325 12.11 -20.41 -12.23
N HIS A 326 12.54 -19.35 -12.94
CA HIS A 326 12.53 -19.29 -14.41
C HIS A 326 13.78 -19.90 -15.03
N ILE A 327 14.98 -19.47 -14.57
CA ILE A 327 16.27 -20.01 -15.03
C ILE A 327 16.46 -21.32 -14.27
N VAL A 328 16.30 -22.46 -14.98
CA VAL A 328 16.36 -23.81 -14.41
C VAL A 328 17.78 -24.18 -13.93
N TYR A 329 17.87 -24.66 -12.67
CA TYR A 329 19.11 -25.11 -12.02
C TYR A 329 18.98 -26.63 -11.79
N ASP A 330 20.03 -27.40 -12.16
CA ASP A 330 20.01 -28.85 -12.06
C ASP A 330 20.99 -29.45 -11.04
N GLN A 331 22.26 -29.01 -11.03
CA GLN A 331 23.26 -29.56 -10.11
C GLN A 331 24.06 -28.54 -9.31
N LEU A 332 24.33 -28.87 -8.03
CA LEU A 332 25.10 -28.05 -7.10
C LEU A 332 26.57 -28.47 -7.13
N PRO A 333 27.53 -27.53 -7.30
CA PRO A 333 28.95 -27.93 -7.31
C PRO A 333 29.50 -28.33 -5.93
N THR A 334 30.22 -29.48 -5.87
CA THR A 334 30.81 -30.03 -4.64
C THR A 334 32.31 -29.63 -4.51
N PRO A 335 32.89 -29.55 -3.28
CA PRO A 335 34.31 -29.16 -3.17
C PRO A 335 35.27 -30.31 -3.51
N ASN B 12 6.40 6.99 34.16
CA ASN B 12 5.77 5.69 33.92
C ASN B 12 6.44 4.59 34.74
N LEU B 13 5.65 3.81 35.52
CA LEU B 13 6.17 2.76 36.41
C LEU B 13 5.57 1.37 36.20
N TYR B 14 4.54 1.25 35.35
CA TYR B 14 3.81 0.01 35.10
C TYR B 14 3.79 -0.33 33.61
N PHE B 15 4.08 -1.62 33.27
CA PHE B 15 4.16 -2.13 31.90
C PHE B 15 3.52 -3.53 31.79
N GLN B 16 3.08 -3.92 30.57
CA GLN B 16 2.45 -5.23 30.36
C GLN B 16 3.43 -6.40 30.61
N SER B 17 4.69 -6.18 30.22
CA SER B 17 5.81 -7.10 30.40
C SER B 17 7.13 -6.32 30.44
N VAL B 18 8.09 -6.84 31.21
CA VAL B 18 9.42 -6.25 31.36
C VAL B 18 10.39 -7.21 30.67
N HIS B 19 11.20 -6.68 29.72
CA HIS B 19 12.16 -7.49 28.97
C HIS B 19 13.61 -7.08 29.24
N SER B 20 14.51 -8.08 29.25
CA SER B 20 15.95 -7.87 29.45
C SER B 20 16.55 -7.78 28.04
N VAL B 21 16.95 -6.57 27.62
CA VAL B 21 17.42 -6.30 26.26
C VAL B 21 18.90 -5.88 26.21
N ALA B 22 19.71 -6.67 25.50
CA ALA B 22 21.14 -6.42 25.28
C ALA B 22 21.33 -5.85 23.87
N VAL B 23 21.87 -4.62 23.75
CA VAL B 23 22.07 -3.96 22.46
C VAL B 23 23.55 -3.95 22.04
N ILE B 24 23.84 -4.46 20.81
CA ILE B 24 25.17 -4.53 20.21
C ILE B 24 25.19 -3.71 18.92
N GLY B 25 26.19 -2.86 18.77
CA GLY B 25 26.41 -2.08 17.56
C GLY B 25 27.56 -2.69 16.76
N ALA B 26 27.24 -3.36 15.65
CA ALA B 26 28.25 -4.02 14.79
C ALA B 26 28.44 -3.27 13.46
N PRO B 27 29.44 -2.36 13.37
CA PRO B 27 29.61 -1.59 12.12
C PRO B 27 30.41 -2.32 11.03
N PHE B 28 29.80 -3.37 10.46
CA PHE B 28 30.38 -4.16 9.36
C PHE B 28 30.35 -3.36 8.06
N SER B 29 31.28 -3.67 7.14
CA SER B 29 31.41 -3.01 5.82
C SER B 29 32.22 -3.87 4.84
N GLN B 30 32.80 -4.99 5.32
CA GLN B 30 33.61 -5.90 4.52
C GLN B 30 32.84 -7.10 3.94
N GLY B 31 31.64 -7.37 4.47
CA GLY B 31 30.76 -8.45 4.02
C GLY B 31 30.23 -8.23 2.61
N GLN B 32 30.21 -6.96 2.17
CA GLN B 32 29.82 -6.49 0.84
C GLN B 32 30.86 -5.45 0.33
N LYS B 33 30.55 -4.69 -0.74
CA LYS B 33 31.49 -3.72 -1.31
C LYS B 33 31.01 -2.27 -1.26
N ARG B 34 29.69 -2.03 -1.15
CA ARG B 34 29.10 -0.69 -1.09
C ARG B 34 29.41 -0.03 0.26
N LYS B 35 30.23 1.03 0.24
CA LYS B 35 30.64 1.77 1.45
C LYS B 35 29.53 2.67 1.99
N GLY B 36 29.45 2.75 3.32
CA GLY B 36 28.47 3.57 4.02
C GLY B 36 27.53 2.83 4.94
N VAL B 37 27.59 1.48 4.92
CA VAL B 37 26.76 0.60 5.76
C VAL B 37 27.33 0.47 7.20
N GLU B 38 28.58 0.97 7.41
CA GLU B 38 29.24 0.97 8.72
C GLU B 38 28.65 2.04 9.65
N HIS B 39 28.09 3.13 9.09
CA HIS B 39 27.44 4.22 9.82
C HIS B 39 26.03 3.83 10.32
N GLY B 40 25.61 2.60 9.99
CA GLY B 40 24.31 2.02 10.33
C GLY B 40 23.93 1.99 11.80
N PRO B 41 24.72 1.34 12.71
CA PRO B 41 24.33 1.32 14.13
C PRO B 41 24.28 2.71 14.78
N ALA B 42 25.06 3.67 14.24
CA ALA B 42 25.13 5.05 14.68
C ALA B 42 23.87 5.85 14.32
N ALA B 43 23.28 5.59 13.13
CA ALA B 43 22.07 6.26 12.67
C ALA B 43 20.83 5.79 13.43
N ILE B 44 20.80 4.49 13.81
CA ILE B 44 19.71 3.87 14.58
C ILE B 44 19.66 4.53 15.98
N ARG B 45 20.84 4.79 16.58
CA ARG B 45 20.99 5.46 17.87
C ARG B 45 20.57 6.93 17.78
N GLU B 46 21.01 7.66 16.73
CA GLU B 46 20.68 9.08 16.49
C GLU B 46 19.17 9.32 16.37
N ALA B 47 18.42 8.28 15.92
CA ALA B 47 16.97 8.31 15.78
C ALA B 47 16.30 8.28 17.17
N GLY B 48 16.94 7.62 18.12
CA GLY B 48 16.47 7.50 19.51
C GLY B 48 16.02 6.11 19.88
N LEU B 49 16.87 5.10 19.58
CA LEU B 49 16.58 3.69 19.86
C LEU B 49 16.51 3.34 21.34
N MET B 50 17.56 3.72 22.11
CA MET B 50 17.67 3.44 23.54
C MET B 50 16.57 4.11 24.37
N LYS B 51 16.23 5.36 24.02
CA LYS B 51 15.18 6.16 24.65
C LYS B 51 13.83 5.42 24.54
N ARG B 52 13.57 4.84 23.34
CA ARG B 52 12.36 4.09 22.99
C ARG B 52 12.28 2.76 23.75
N LEU B 53 13.39 2.00 23.83
CA LEU B 53 13.45 0.72 24.54
C LEU B 53 13.26 0.92 26.04
N SER B 54 13.74 2.07 26.58
CA SER B 54 13.63 2.44 27.99
C SER B 54 12.16 2.73 28.32
N SER B 55 11.47 3.50 27.44
CA SER B 55 10.05 3.85 27.57
C SER B 55 9.13 2.61 27.50
N LEU B 56 9.68 1.47 27.04
CA LEU B 56 8.97 0.19 26.97
C LEU B 56 9.16 -0.69 28.22
N GLY B 57 9.94 -0.17 29.18
CA GLY B 57 10.23 -0.83 30.45
C GLY B 57 11.17 -2.01 30.30
N CYS B 58 12.29 -1.79 29.62
CA CYS B 58 13.30 -2.80 29.37
C CYS B 58 14.54 -2.62 30.22
N HIS B 59 15.11 -3.73 30.71
CA HIS B 59 16.37 -3.72 31.45
C HIS B 59 17.45 -3.67 30.35
N LEU B 60 17.85 -2.45 29.96
CA LEU B 60 18.84 -2.24 28.92
C LEU B 60 20.26 -2.53 29.37
N LYS B 61 21.01 -3.28 28.53
CA LYS B 61 22.42 -3.64 28.75
C LYS B 61 23.20 -3.39 27.46
N ASP B 62 23.53 -2.12 27.19
CA ASP B 62 24.26 -1.69 26.01
C ASP B 62 25.72 -2.15 25.99
N PHE B 63 26.10 -2.90 24.93
CA PHE B 63 27.46 -3.38 24.69
C PHE B 63 28.20 -2.40 23.76
N GLY B 64 27.50 -1.34 23.34
CA GLY B 64 28.00 -0.27 22.48
C GLY B 64 28.43 -0.67 21.09
N ASP B 65 29.08 0.27 20.39
CA ASP B 65 29.60 0.08 19.04
C ASP B 65 30.98 -0.59 19.12
N LEU B 66 31.07 -1.86 18.73
CA LEU B 66 32.31 -2.65 18.74
C LEU B 66 33.30 -2.15 17.70
N SER B 67 34.60 -2.15 18.04
CA SER B 67 35.66 -1.72 17.13
C SER B 67 36.15 -2.93 16.34
N PHE B 68 36.21 -2.80 15.00
CA PHE B 68 36.67 -3.87 14.12
C PHE B 68 37.96 -3.50 13.39
N THR B 69 38.90 -4.47 13.33
CA THR B 69 40.21 -4.32 12.68
C THR B 69 40.36 -5.30 11.52
N PRO B 70 40.60 -4.80 10.27
CA PRO B 70 40.75 -5.74 9.13
C PRO B 70 42.12 -6.40 9.10
N VAL B 71 42.16 -7.70 8.75
CA VAL B 71 43.40 -8.50 8.65
C VAL B 71 44.23 -7.95 7.45
N PRO B 72 45.52 -7.56 7.67
CA PRO B 72 46.32 -6.99 6.56
C PRO B 72 46.51 -7.94 5.37
N LYS B 73 46.91 -9.20 5.62
CA LYS B 73 47.10 -10.22 4.59
C LYS B 73 45.84 -11.07 4.53
N ASP B 74 44.91 -10.70 3.62
CA ASP B 74 43.63 -11.37 3.44
C ASP B 74 43.29 -11.55 1.95
N ASP B 75 43.79 -12.64 1.36
CA ASP B 75 43.57 -12.99 -0.04
C ASP B 75 42.17 -13.59 -0.23
N LEU B 76 41.48 -13.20 -1.32
CA LEU B 76 40.13 -13.67 -1.61
C LEU B 76 40.13 -15.14 -2.09
N TYR B 77 39.40 -16.00 -1.37
CA TYR B 77 39.28 -17.45 -1.60
C TYR B 77 38.58 -17.77 -2.91
N ASN B 78 39.19 -18.68 -3.71
CA ASN B 78 38.74 -19.16 -5.04
C ASN B 78 38.51 -18.01 -6.04
N ASN B 79 39.20 -16.87 -5.82
CA ASN B 79 39.18 -15.63 -6.61
C ASN B 79 37.76 -15.07 -6.85
N LEU B 80 36.98 -14.94 -5.76
CA LEU B 80 35.62 -14.39 -5.77
C LEU B 80 35.23 -13.87 -4.38
N ILE B 81 35.28 -14.75 -3.35
CA ILE B 81 34.92 -14.48 -1.95
C ILE B 81 35.81 -13.38 -1.34
N VAL B 82 35.36 -12.11 -1.46
CA VAL B 82 36.06 -10.93 -0.96
C VAL B 82 36.05 -10.90 0.60
N ASN B 83 37.26 -10.69 1.19
CA ASN B 83 37.54 -10.62 2.63
C ASN B 83 37.01 -11.83 3.47
N PRO B 84 37.49 -13.08 3.26
CA PRO B 84 36.97 -14.19 4.08
C PRO B 84 37.50 -14.23 5.52
N ARG B 85 38.75 -13.80 5.73
CA ARG B 85 39.39 -13.77 7.06
C ARG B 85 38.82 -12.65 7.94
N SER B 86 38.71 -11.42 7.39
CA SER B 86 38.21 -10.21 8.06
C SER B 86 36.78 -10.34 8.58
N VAL B 87 35.94 -11.11 7.87
CA VAL B 87 34.53 -11.34 8.22
C VAL B 87 34.40 -12.54 9.18
N GLY B 88 35.06 -13.66 8.85
CA GLY B 88 35.04 -14.89 9.65
C GLY B 88 35.51 -14.75 11.08
N LEU B 89 36.56 -13.94 11.31
CA LEU B 89 37.12 -13.67 12.64
C LEU B 89 36.18 -12.74 13.43
N ALA B 90 35.70 -11.65 12.79
CA ALA B 90 34.79 -10.66 13.36
C ALA B 90 33.46 -11.29 13.80
N ASN B 91 33.02 -12.35 13.10
CA ASN B 91 31.81 -13.11 13.39
C ASN B 91 32.01 -14.11 14.54
N GLN B 92 33.24 -14.66 14.70
CA GLN B 92 33.60 -15.61 15.77
C GLN B 92 33.52 -14.91 17.13
N GLU B 93 33.96 -13.65 17.15
CA GLU B 93 34.01 -12.78 18.32
C GLU B 93 32.64 -12.23 18.68
N LEU B 94 31.84 -11.83 17.67
CA LEU B 94 30.47 -11.32 17.85
C LEU B 94 29.58 -12.44 18.40
N ALA B 95 29.87 -13.71 18.02
CA ALA B 95 29.16 -14.90 18.48
C ALA B 95 29.31 -15.08 19.99
N GLU B 96 30.51 -14.72 20.52
CA GLU B 96 30.80 -14.80 21.96
C GLU B 96 30.00 -13.77 22.76
N VAL B 97 29.94 -12.51 22.25
CA VAL B 97 29.20 -11.38 22.85
C VAL B 97 27.70 -11.74 22.95
N VAL B 98 27.16 -12.41 21.91
CA VAL B 98 25.76 -12.87 21.83
C VAL B 98 25.54 -14.03 22.81
N SER B 99 26.47 -15.00 22.87
CA SER B 99 26.38 -16.16 23.78
C SER B 99 26.50 -15.73 25.24
N ARG B 100 27.21 -14.61 25.50
CA ARG B 100 27.41 -14.02 26.82
C ARG B 100 26.05 -13.54 27.35
N ALA B 101 25.37 -12.69 26.56
CA ALA B 101 24.06 -12.10 26.85
C ALA B 101 22.94 -13.13 26.98
N VAL B 102 22.81 -14.07 26.02
CA VAL B 102 21.76 -15.11 25.99
C VAL B 102 21.83 -16.03 27.23
N SER B 103 23.06 -16.43 27.64
CA SER B 103 23.28 -17.29 28.82
C SER B 103 22.91 -16.56 30.12
N ASP B 104 23.10 -15.23 30.17
CA ASP B 104 22.77 -14.35 31.29
C ASP B 104 21.25 -14.20 31.47
N GLY B 105 20.51 -14.32 30.36
CA GLY B 105 19.05 -14.21 30.32
C GLY B 105 18.54 -13.03 29.52
N TYR B 106 19.42 -12.41 28.71
CA TYR B 106 19.11 -11.25 27.88
C TYR B 106 18.71 -11.61 26.43
N SER B 107 17.92 -10.73 25.80
CA SER B 107 17.50 -10.82 24.41
C SER B 107 18.47 -9.92 23.66
N CYS B 108 19.26 -10.51 22.74
CA CYS B 108 20.31 -9.76 22.08
C CYS B 108 19.92 -9.15 20.74
N VAL B 109 19.93 -7.82 20.72
CA VAL B 109 19.65 -6.96 19.56
C VAL B 109 21.00 -6.59 18.96
N THR B 110 21.18 -6.85 17.65
CA THR B 110 22.43 -6.56 16.95
C THR B 110 22.17 -5.59 15.80
N LEU B 111 22.74 -4.39 15.87
CA LEU B 111 22.60 -3.34 14.86
C LEU B 111 23.70 -3.42 13.80
N GLY B 112 23.29 -3.43 12.53
CA GLY B 112 24.19 -3.50 11.38
C GLY B 112 24.35 -2.16 10.66
N GLY B 113 25.24 -2.07 9.67
CA GLY B 113 26.07 -3.16 9.16
C GLY B 113 25.38 -3.98 8.09
N ASP B 114 26.08 -5.02 7.58
CA ASP B 114 25.54 -5.92 6.55
C ASP B 114 25.12 -7.27 7.14
N HIS B 115 24.30 -8.03 6.40
CA HIS B 115 23.74 -9.31 6.83
C HIS B 115 24.77 -10.44 7.15
N SER B 116 26.09 -10.19 6.99
CA SER B 116 27.12 -11.19 7.29
C SER B 116 27.18 -11.55 8.79
N LEU B 117 26.99 -10.54 9.68
CA LEU B 117 27.01 -10.69 11.14
C LEU B 117 26.00 -11.73 11.69
N ALA B 118 25.09 -12.23 10.83
CA ALA B 118 24.09 -13.24 11.16
C ALA B 118 24.71 -14.61 11.44
N ILE B 119 25.91 -14.89 10.88
CA ILE B 119 26.64 -16.16 11.10
C ILE B 119 26.97 -16.29 12.60
N GLY B 120 27.48 -15.21 13.18
CA GLY B 120 27.83 -15.12 14.59
C GLY B 120 26.67 -15.19 15.55
N THR B 121 25.71 -14.23 15.42
CA THR B 121 24.51 -14.11 16.27
C THR B 121 23.74 -15.42 16.41
N ILE B 122 23.53 -16.14 15.30
CA ILE B 122 22.82 -17.41 15.28
C ILE B 122 23.67 -18.52 15.91
N SER B 123 24.99 -18.54 15.65
CA SER B 123 25.87 -19.54 16.24
C SER B 123 26.02 -19.37 17.76
N GLY B 124 26.08 -18.11 18.21
CA GLY B 124 26.15 -17.74 19.63
C GLY B 124 24.89 -18.14 20.37
N HIS B 125 23.72 -17.89 19.74
CA HIS B 125 22.37 -18.22 20.21
C HIS B 125 22.25 -19.75 20.39
N ALA B 126 22.82 -20.51 19.44
CA ALA B 126 22.83 -21.97 19.40
C ALA B 126 23.55 -22.61 20.57
N ARG B 127 24.61 -21.94 21.08
CA ARG B 127 25.41 -22.40 22.22
C ARG B 127 24.56 -22.51 23.48
N HIS B 128 23.91 -21.40 23.88
C HIS B 128 21.22 -22.95 25.10
N CYS B 129 20.95 -22.48 23.87
CA CYS B 129 19.68 -22.77 23.20
C CYS B 129 19.91 -23.61 21.94
N PRO B 130 19.94 -24.96 22.04
CA PRO B 130 20.18 -25.78 20.85
C PRO B 130 18.95 -25.92 19.93
N ASP B 131 17.74 -25.94 20.53
CA ASP B 131 16.46 -26.10 19.84
C ASP B 131 15.88 -24.75 19.36
N LEU B 132 16.75 -23.81 18.95
CA LEU B 132 16.33 -22.50 18.44
C LEU B 132 15.69 -22.62 17.04
N CYS B 133 15.03 -21.53 16.57
CA CYS B 133 14.43 -21.43 15.25
C CYS B 133 14.57 -20.01 14.72
N VAL B 134 14.91 -19.89 13.43
CA VAL B 134 15.13 -18.58 12.79
C VAL B 134 13.94 -18.17 11.90
N VAL B 135 13.67 -16.85 11.85
CA VAL B 135 12.69 -16.19 11.01
C VAL B 135 13.52 -15.17 10.21
N TRP B 136 13.74 -15.46 8.93
CA TRP B 136 14.54 -14.61 8.05
C TRP B 136 13.62 -13.66 7.31
N VAL B 137 13.80 -12.36 7.54
CA VAL B 137 12.96 -11.35 6.90
C VAL B 137 13.85 -10.48 6.02
N ASP B 138 13.93 -10.87 4.74
CA ASP B 138 14.77 -10.25 3.72
C ASP B 138 14.09 -10.33 2.36
N ALA B 139 14.52 -9.46 1.42
CA ALA B 139 14.11 -9.46 0.02
C ALA B 139 14.88 -10.60 -0.69
N HIS B 140 16.06 -10.94 -0.14
CA HIS B 140 17.01 -11.95 -0.62
C HIS B 140 17.07 -13.15 0.31
N ALA B 141 17.40 -14.33 -0.20
CA ALA B 141 17.44 -15.54 0.62
C ALA B 141 18.77 -15.73 1.37
N ASP B 142 19.82 -14.96 0.98
CA ASP B 142 21.16 -14.99 1.58
C ASP B 142 21.73 -16.42 1.81
N ILE B 143 21.23 -17.41 1.04
CA ILE B 143 21.55 -18.84 1.17
C ILE B 143 22.58 -19.33 0.10
N ASN B 144 23.27 -18.39 -0.60
CA ASN B 144 24.29 -18.71 -1.60
C ASN B 144 25.49 -19.43 -0.95
N THR B 145 25.98 -20.52 -1.59
CA THR B 145 27.17 -21.25 -1.12
C THR B 145 28.41 -20.51 -1.69
N PRO B 146 29.66 -20.71 -1.16
CA PRO B 146 30.82 -19.97 -1.73
C PRO B 146 31.09 -20.24 -3.22
N LEU B 147 30.51 -21.33 -3.76
CA LEU B 147 30.63 -21.75 -5.14
C LEU B 147 29.50 -21.13 -6.00
N THR B 148 28.24 -21.32 -5.57
CA THR B 148 27.02 -20.86 -6.26
C THR B 148 26.87 -19.33 -6.33
N THR B 149 27.59 -18.56 -5.49
CA THR B 149 27.53 -17.09 -5.52
C THR B 149 28.17 -16.53 -6.80
N SER B 150 27.74 -15.33 -7.21
CA SER B 150 28.21 -14.65 -8.42
C SER B 150 28.90 -13.32 -8.12
N SER B 151 28.53 -12.66 -7.00
CA SER B 151 29.07 -11.36 -6.60
C SER B 151 30.37 -11.50 -5.81
N GLY B 152 30.43 -12.49 -4.92
CA GLY B 152 31.55 -12.75 -4.04
C GLY B 152 31.35 -12.20 -2.64
N ASN B 153 30.38 -11.26 -2.48
CA ASN B 153 30.02 -10.62 -1.22
C ASN B 153 29.38 -11.65 -0.26
N LEU B 154 29.99 -11.81 0.92
CA LEU B 154 29.55 -12.76 1.96
C LEU B 154 28.20 -12.43 2.62
N HIS B 155 27.69 -11.19 2.43
CA HIS B 155 26.40 -10.76 2.98
C HIS B 155 25.21 -11.50 2.35
N GLY B 156 25.43 -12.06 1.17
CA GLY B 156 24.43 -12.85 0.45
C GLY B 156 24.66 -14.35 0.59
N GLN B 157 25.55 -14.73 1.52
CA GLN B 157 25.96 -16.12 1.79
C GLN B 157 25.83 -16.63 3.26
N PRO B 158 25.29 -15.89 4.27
CA PRO B 158 25.33 -16.41 5.65
C PRO B 158 24.56 -17.69 5.99
N VAL B 159 23.39 -17.93 5.39
CA VAL B 159 22.52 -19.08 5.72
C VAL B 159 23.15 -20.44 5.34
N SER B 160 24.04 -20.46 4.33
CA SER B 160 24.73 -21.67 3.84
C SER B 160 25.61 -22.32 4.92
N PHE B 161 26.37 -21.49 5.65
CA PHE B 161 27.29 -21.90 6.71
C PHE B 161 26.55 -22.44 7.95
N LEU B 162 25.35 -21.90 8.24
CA LEU B 162 24.54 -22.26 9.40
C LEU B 162 23.69 -23.52 9.24
N LEU B 163 23.33 -23.88 7.99
CA LEU B 163 22.49 -25.05 7.74
C LEU B 163 23.27 -26.37 7.79
N ARG B 164 22.69 -27.37 8.47
CA ARG B 164 23.24 -28.72 8.67
C ARG B 164 23.37 -29.52 7.38
N GLU B 165 22.34 -29.44 6.51
CA GLU B 165 22.28 -30.17 5.25
C GLU B 165 23.23 -29.61 4.19
N LEU B 166 23.57 -28.31 4.28
CA LEU B 166 24.47 -27.63 3.35
C LEU B 166 25.97 -27.77 3.68
N GLN B 167 26.31 -28.59 4.70
CA GLN B 167 27.68 -28.85 5.15
C GLN B 167 28.55 -29.45 4.02
N ASP B 168 28.00 -30.46 3.30
CA ASP B 168 28.66 -31.15 2.19
C ASP B 168 28.83 -30.30 0.92
N LYS B 169 28.01 -29.23 0.77
CA LYS B 169 28.06 -28.34 -0.39
C LYS B 169 28.87 -27.06 -0.12
N VAL B 170 29.29 -26.85 1.14
CA VAL B 170 30.06 -25.68 1.56
C VAL B 170 31.49 -26.07 1.96
N PRO B 171 32.52 -25.49 1.31
CA PRO B 171 33.91 -25.83 1.67
C PRO B 171 34.43 -25.06 2.88
N GLN B 172 35.56 -25.51 3.46
CA GLN B 172 36.21 -24.86 4.60
C GLN B 172 36.93 -23.60 4.12
N LEU B 173 36.51 -22.44 4.63
CA LEU B 173 37.05 -21.13 4.27
C LEU B 173 38.07 -20.60 5.30
N PRO B 174 38.92 -19.59 4.97
CA PRO B 174 39.87 -19.09 5.98
C PRO B 174 39.21 -18.21 7.04
N GLY B 175 39.31 -18.66 8.29
CA GLY B 175 38.72 -18.00 9.45
C GLY B 175 37.29 -18.44 9.69
N PHE B 176 36.86 -19.56 9.07
CA PHE B 176 35.51 -20.12 9.15
C PHE B 176 35.49 -21.52 9.79
N SER B 177 36.63 -21.98 10.34
CA SER B 177 36.80 -23.28 10.98
C SER B 177 35.99 -23.45 12.28
N TRP B 178 35.73 -22.33 12.99
CA TRP B 178 34.99 -22.27 14.26
C TRP B 178 33.48 -22.60 14.16
N ILE B 179 32.86 -22.33 12.99
CA ILE B 179 31.43 -22.57 12.74
C ILE B 179 31.09 -24.05 12.72
N LYS B 180 30.05 -24.42 13.46
CA LYS B 180 29.49 -25.76 13.51
C LYS B 180 28.02 -25.67 13.08
N PRO B 181 27.54 -26.52 12.14
CA PRO B 181 26.14 -26.43 11.70
C PRO B 181 25.17 -26.71 12.85
N CYS B 182 24.34 -25.71 13.17
CA CYS B 182 23.42 -25.72 14.31
C CYS B 182 21.93 -25.84 13.94
N ILE B 183 21.47 -25.09 12.93
CA ILE B 183 20.06 -25.09 12.54
C ILE B 183 19.78 -26.02 11.34
N SER B 184 18.74 -26.86 11.47
CA SER B 184 18.31 -27.78 10.41
C SER B 184 17.34 -27.08 9.42
N SER B 185 16.85 -27.83 8.41
CA SER B 185 15.94 -27.35 7.35
C SER B 185 14.61 -26.81 7.89
N ALA B 186 13.91 -27.61 8.73
CA ALA B 186 12.62 -27.30 9.36
C ALA B 186 12.68 -26.15 10.40
N SER B 187 13.90 -25.77 10.84
CA SER B 187 14.14 -24.75 11.85
C SER B 187 14.32 -23.32 11.29
N ILE B 188 14.22 -23.16 9.97
CA ILE B 188 14.27 -21.83 9.35
C ILE B 188 13.06 -21.65 8.40
N VAL B 189 12.43 -20.47 8.52
CA VAL B 189 11.29 -20.00 7.72
C VAL B 189 11.63 -18.58 7.26
N TYR B 190 11.52 -18.34 5.96
CA TYR B 190 11.80 -17.05 5.36
C TYR B 190 10.47 -16.28 5.21
N ILE B 191 10.55 -14.94 5.03
CA ILE B 191 9.41 -14.04 4.85
C ILE B 191 9.86 -12.81 4.03
N GLY B 192 9.15 -12.54 2.93
CA GLY B 192 9.39 -11.35 2.12
C GLY B 192 10.24 -11.50 0.88
N LEU B 193 10.47 -12.76 0.46
CA LEU B 193 11.30 -13.14 -0.70
C LEU B 193 10.75 -12.62 -2.02
N ARG B 194 11.61 -11.92 -2.77
CA ARG B 194 11.23 -11.41 -4.09
C ARG B 194 12.39 -11.38 -5.08
N ASP B 195 13.65 -11.35 -4.58
CA ASP B 195 14.87 -11.36 -5.40
C ASP B 195 15.72 -12.59 -5.08
N VAL B 196 15.26 -13.76 -5.54
CA VAL B 196 15.92 -15.05 -5.35
C VAL B 196 16.73 -15.43 -6.60
N ASP B 197 18.04 -15.70 -6.43
CA ASP B 197 18.94 -16.10 -7.52
C ASP B 197 18.68 -17.58 -7.90
N PRO B 198 18.95 -17.98 -9.18
CA PRO B 198 18.69 -19.39 -9.58
C PRO B 198 19.28 -20.47 -8.65
N PRO B 199 20.56 -20.43 -8.16
CA PRO B 199 21.02 -21.50 -7.26
C PRO B 199 20.32 -21.49 -5.91
N GLU B 200 20.02 -20.27 -5.37
CA GLU B 200 19.31 -20.05 -4.11
C GLU B 200 17.94 -20.76 -4.15
N HIS B 201 17.22 -20.64 -5.29
CA HIS B 201 15.92 -21.26 -5.52
C HIS B 201 15.99 -22.80 -5.44
N PHE B 202 17.08 -23.39 -5.98
CA PHE B 202 17.32 -24.84 -6.00
C PHE B 202 17.45 -25.39 -4.57
N ILE B 203 18.21 -24.66 -3.72
CA ILE B 203 18.47 -25.00 -2.32
C ILE B 203 17.16 -25.12 -1.53
N LEU B 204 16.35 -24.04 -1.55
CA LEU B 204 15.07 -23.96 -0.85
C LEU B 204 14.13 -25.11 -1.24
N LYS B 205 13.92 -25.28 -2.57
CA LYS B 205 13.04 -26.28 -3.17
C LYS B 205 13.42 -27.73 -2.86
N ASN B 206 14.71 -28.08 -3.01
CA ASN B 206 15.18 -29.45 -2.79
C ASN B 206 15.36 -29.83 -1.32
N TYR B 207 15.92 -28.91 -0.50
CA TYR B 207 16.18 -29.15 0.94
C TYR B 207 14.94 -28.98 1.85
N ASP B 208 13.73 -28.81 1.28
CA ASP B 208 12.44 -28.67 1.99
C ASP B 208 12.43 -27.46 2.96
N ILE B 209 13.02 -26.32 2.51
CA ILE B 209 13.08 -25.08 3.28
C ILE B 209 11.80 -24.27 3.04
N GLN B 210 10.83 -24.37 3.96
CA GLN B 210 9.53 -23.70 3.92
C GLN B 210 9.70 -22.16 3.93
N TYR B 211 9.09 -21.47 2.94
CA TYR B 211 9.23 -20.03 2.78
C TYR B 211 7.93 -19.31 2.38
N PHE B 212 7.88 -17.99 2.65
CA PHE B 212 6.76 -17.10 2.36
C PHE B 212 7.23 -15.89 1.57
N SER B 213 7.25 -16.05 0.24
CA SER B 213 7.67 -15.01 -0.71
C SER B 213 6.62 -13.90 -0.76
N MET B 214 6.97 -12.73 -1.34
CA MET B 214 6.04 -11.61 -1.50
C MET B 214 4.72 -12.09 -2.13
N ARG B 215 4.81 -13.03 -3.09
CA ARG B 215 3.69 -13.66 -3.79
C ARG B 215 2.82 -14.46 -2.81
N ASP B 216 3.44 -15.17 -1.84
CA ASP B 216 2.72 -15.94 -0.82
C ASP B 216 2.03 -15.01 0.20
N ILE B 217 2.54 -13.77 0.35
CA ILE B 217 1.98 -12.77 1.26
C ILE B 217 0.74 -12.16 0.57
N ASP B 218 0.80 -12.04 -0.78
CA ASP B 218 -0.27 -11.52 -1.62
C ASP B 218 -1.46 -12.47 -1.58
N ARG B 219 -1.20 -13.77 -1.69
CA ARG B 219 -2.21 -14.83 -1.67
C ARG B 219 -2.83 -15.04 -0.30
N LEU B 220 -2.00 -15.17 0.75
CA LEU B 220 -2.46 -15.53 2.10
C LEU B 220 -2.66 -14.38 3.09
N GLY B 221 -1.93 -13.28 2.94
CA GLY B 221 -2.01 -12.18 3.88
C GLY B 221 -1.06 -12.37 5.05
N ILE B 222 -0.48 -11.28 5.53
CA ILE B 222 0.50 -11.27 6.61
C ILE B 222 0.04 -12.08 7.84
N GLN B 223 -1.27 -12.07 8.17
CA GLN B 223 -1.84 -12.80 9.30
C GLN B 223 -1.65 -14.32 9.14
N LYS B 224 -2.06 -14.89 7.98
CA LYS B 224 -1.89 -16.32 7.68
C LYS B 224 -0.42 -16.73 7.59
N VAL B 225 0.44 -15.86 7.00
CA VAL B 225 1.89 -16.05 6.86
C VAL B 225 2.53 -16.32 8.23
N MET B 226 2.31 -15.39 9.20
CA MET B 226 2.82 -15.46 10.57
C MET B 226 2.28 -16.66 11.31
N GLU B 227 0.97 -16.93 11.16
CA GLU B 227 0.29 -18.07 11.78
C GLU B 227 0.96 -19.37 11.35
N ARG B 228 1.22 -19.51 10.03
CA ARG B 228 1.86 -20.67 9.42
C ARG B 228 3.34 -20.77 9.78
N THR B 229 4.03 -19.62 9.90
CA THR B 229 5.43 -19.52 10.31
C THR B 229 5.60 -20.12 11.72
N PHE B 230 4.63 -19.88 12.62
CA PHE B 230 4.63 -20.39 14.00
C PHE B 230 4.11 -21.82 14.09
N ASP B 231 3.31 -22.28 13.12
CA ASP B 231 2.79 -23.65 13.09
C ASP B 231 3.91 -24.61 12.66
N LEU B 232 4.82 -24.14 11.78
CA LEU B 232 5.96 -24.90 11.28
C LEU B 232 7.08 -24.94 12.30
N LEU B 233 7.47 -23.77 12.85
CA LEU B 233 8.54 -23.65 13.83
C LEU B 233 8.12 -24.08 15.24
N ILE B 234 7.53 -23.15 16.03
CA ILE B 234 7.10 -23.35 17.42
C ILE B 234 5.75 -24.13 17.55
N GLY B 235 5.43 -24.94 16.54
CA GLY B 235 4.22 -25.76 16.51
C GLY B 235 4.34 -27.01 17.35
N LYS B 236 5.45 -27.75 17.22
CA LYS B 236 5.72 -28.99 17.96
C LYS B 236 5.91 -28.74 19.46
N ARG B 237 6.73 -27.72 19.80
CA ARG B 237 7.08 -27.32 21.18
C ARG B 237 7.55 -25.86 21.23
N GLN B 238 7.66 -25.27 22.45
CA GLN B 238 8.12 -23.90 22.68
C GLN B 238 9.62 -23.81 22.36
N ARG B 239 10.01 -22.85 21.51
CA ARG B 239 11.40 -22.72 21.06
C ARG B 239 11.86 -21.26 21.04
N PRO B 240 13.11 -20.96 21.46
CA PRO B 240 13.59 -19.56 21.40
C PRO B 240 13.68 -19.09 19.95
N ILE B 241 13.14 -17.91 19.65
CA ILE B 241 13.11 -17.39 18.29
C ILE B 241 14.23 -16.38 18.02
N HIS B 242 14.96 -16.58 16.90
CA HIS B 242 15.98 -15.64 16.43
C HIS B 242 15.33 -14.92 15.25
N LEU B 243 15.32 -13.59 15.27
CA LEU B 243 14.71 -12.83 14.20
C LEU B 243 15.74 -12.05 13.42
N SER B 244 16.13 -12.59 12.28
CA SER B 244 17.07 -11.92 11.41
C SER B 244 16.24 -11.03 10.50
N PHE B 245 16.31 -9.73 10.75
CA PHE B 245 15.50 -8.78 10.01
C PHE B 245 16.37 -7.86 9.18
N ASP B 246 16.12 -7.85 7.87
CA ASP B 246 16.82 -7.01 6.91
C ASP B 246 15.91 -5.88 6.48
N ILE B 247 16.41 -4.64 6.62
CA ILE B 247 15.67 -3.42 6.28
C ILE B 247 15.16 -3.40 4.83
N ASP B 248 15.86 -4.09 3.89
CA ASP B 248 15.47 -4.15 2.47
C ASP B 248 14.26 -5.08 2.22
N ALA B 249 13.73 -5.79 3.25
CA ALA B 249 12.52 -6.62 3.14
C ALA B 249 11.29 -5.69 3.01
N PHE B 250 11.47 -4.40 3.36
CA PHE B 250 10.50 -3.34 3.22
C PHE B 250 10.68 -2.74 1.84
N ASP B 251 9.62 -2.10 1.33
CA ASP B 251 9.64 -1.45 0.03
C ASP B 251 10.62 -0.27 0.02
N PRO B 252 11.44 -0.11 -1.05
CA PRO B 252 12.37 1.03 -1.13
C PRO B 252 11.82 2.43 -0.84
N THR B 253 10.49 2.61 -0.90
CA THR B 253 9.83 3.89 -0.59
C THR B 253 9.96 4.15 0.92
N LEU B 254 9.81 3.08 1.72
CA LEU B 254 9.92 3.09 3.18
C LEU B 254 11.38 3.00 3.65
N ALA B 255 12.19 2.09 3.04
CA ALA B 255 13.61 1.90 3.38
C ALA B 255 14.55 2.24 2.20
N PRO B 256 14.77 3.54 1.86
CA PRO B 256 15.66 3.87 0.72
C PRO B 256 17.15 3.75 0.99
N ALA B 257 17.55 3.70 2.28
CA ALA B 257 18.93 3.58 2.72
C ALA B 257 19.35 2.12 2.93
N THR B 258 19.59 1.40 1.82
CA THR B 258 20.00 -0.01 1.78
C THR B 258 20.78 -0.31 0.50
N GLY B 259 21.71 -1.28 0.58
CA GLY B 259 22.56 -1.69 -0.52
C GLY B 259 21.88 -2.41 -1.67
N THR B 260 20.93 -3.29 -1.34
CA THR B 260 20.17 -4.08 -2.32
C THR B 260 18.64 -3.75 -2.29
N PRO B 261 18.18 -2.57 -2.78
CA PRO B 261 16.74 -2.28 -2.75
C PRO B 261 15.92 -2.96 -3.85
N VAL B 262 14.95 -3.80 -3.45
CA VAL B 262 14.05 -4.53 -4.37
C VAL B 262 12.62 -4.02 -4.25
N VAL B 263 12.08 -3.54 -5.40
CA VAL B 263 10.71 -3.01 -5.55
C VAL B 263 9.65 -4.11 -5.28
N GLY B 264 8.51 -3.69 -4.69
CA GLY B 264 7.41 -4.58 -4.33
C GLY B 264 7.62 -5.27 -3.01
N GLY B 265 8.07 -4.49 -2.02
CA GLY B 265 8.37 -4.97 -0.69
C GLY B 265 7.25 -4.88 0.31
N LEU B 266 7.55 -5.25 1.58
CA LEU B 266 6.60 -5.22 2.70
C LEU B 266 6.26 -3.80 3.03
N THR B 267 5.00 -3.58 3.42
CA THR B 267 4.51 -2.25 3.83
C THR B 267 4.93 -2.03 5.26
N TYR B 268 4.93 -0.75 5.70
CA TYR B 268 5.27 -0.39 7.08
C TYR B 268 4.47 -1.27 8.04
N ARG B 269 3.18 -1.42 7.73
CA ARG B 269 2.18 -2.17 8.47
C ARG B 269 2.44 -3.66 8.52
N GLU B 270 3.05 -4.20 7.46
CA GLU B 270 3.36 -5.63 7.39
C GLU B 270 4.55 -5.99 8.28
N GLY B 271 5.59 -5.16 8.22
CA GLY B 271 6.77 -5.30 9.06
C GLY B 271 6.42 -5.21 10.53
N MET B 272 5.61 -4.16 10.90
CA MET B 272 5.15 -3.94 12.28
C MET B 272 4.37 -5.15 12.74
N TYR B 273 3.51 -5.71 11.85
CA TYR B 273 2.73 -6.91 12.18
C TYR B 273 3.65 -8.08 12.50
N ILE B 274 4.69 -8.32 11.64
CA ILE B 274 5.68 -9.38 11.81
C ILE B 274 6.34 -9.24 13.18
N ALA B 275 6.85 -8.02 13.46
CA ALA B 275 7.50 -7.65 14.72
C ALA B 275 6.62 -7.87 15.96
N GLU B 276 5.32 -7.52 15.88
CA GLU B 276 4.32 -7.67 16.94
C GLU B 276 3.98 -9.14 17.18
N GLU B 277 3.84 -9.91 16.10
CA GLU B 277 3.52 -11.33 16.13
C GLU B 277 4.64 -12.13 16.78
N ILE B 278 5.89 -11.67 16.58
CA ILE B 278 7.08 -12.22 17.19
C ILE B 278 6.98 -11.93 18.70
N HIS B 279 6.71 -10.66 19.09
CA HIS B 279 6.56 -10.23 20.48
C HIS B 279 5.45 -10.96 21.25
N ASN B 280 4.37 -11.34 20.56
CA ASN B 280 3.23 -12.02 21.17
C ASN B 280 3.47 -13.51 21.50
N THR B 281 4.49 -14.14 20.88
CA THR B 281 4.82 -15.56 21.18
C THR B 281 5.60 -15.60 22.49
N GLY B 282 6.30 -14.49 22.77
CA GLY B 282 7.12 -14.28 23.95
C GLY B 282 8.33 -15.18 23.97
N LEU B 283 8.87 -15.50 22.77
CA LEU B 283 10.00 -16.40 22.62
C LEU B 283 11.21 -15.77 21.94
N LEU B 284 11.08 -14.51 21.48
CA LEU B 284 12.18 -13.76 20.85
C LEU B 284 13.40 -13.71 21.78
N SER B 285 14.42 -14.54 21.48
CA SER B 285 15.64 -14.62 22.29
C SER B 285 16.78 -13.75 21.73
N ALA B 286 16.71 -13.38 20.43
CA ALA B 286 17.70 -12.53 19.75
C ALA B 286 17.13 -11.91 18.49
N LEU B 287 17.64 -10.74 18.13
CA LEU B 287 17.18 -9.99 16.96
C LEU B 287 18.33 -9.34 16.19
N ASP B 288 18.32 -9.45 14.87
CA ASP B 288 19.31 -8.80 14.02
C ASP B 288 18.59 -7.73 13.23
N LEU B 289 19.21 -6.56 13.07
CA LEU B 289 18.67 -5.45 12.28
C LEU B 289 19.82 -4.97 11.40
N VAL B 290 19.74 -5.30 10.09
CA VAL B 290 20.81 -5.06 9.13
C VAL B 290 20.43 -4.19 7.90
N GLU B 291 21.48 -3.83 7.13
CA GLU B 291 21.53 -3.11 5.86
C GLU B 291 21.15 -1.62 5.94
N VAL B 292 21.19 -1.01 7.13
CA VAL B 292 20.90 0.43 7.21
C VAL B 292 22.13 1.20 6.68
N ASN B 293 22.02 1.79 5.49
CA ASN B 293 23.12 2.52 4.86
C ASN B 293 22.79 4.01 4.70
N PRO B 294 23.07 4.84 5.72
CA PRO B 294 22.79 6.29 5.63
C PRO B 294 23.45 7.04 4.47
N GLN B 295 24.53 6.47 3.90
CA GLN B 295 25.24 7.07 2.77
C GLN B 295 24.50 6.82 1.44
N LEU B 296 23.44 5.98 1.48
CA LEU B 296 22.60 5.66 0.33
C LEU B 296 21.23 6.35 0.37
N ALA B 297 21.23 7.67 0.59
CA ALA B 297 20.03 8.51 0.64
C ALA B 297 20.19 9.77 -0.21
N THR B 298 19.09 10.24 -0.80
CA THR B 298 19.07 11.44 -1.65
C THR B 298 18.63 12.71 -0.88
N SER B 299 18.13 12.53 0.37
CA SER B 299 17.66 13.59 1.25
C SER B 299 17.73 13.15 2.74
N GLU B 300 17.70 14.14 3.68
CA GLU B 300 17.77 13.85 5.12
C GLU B 300 16.53 13.12 5.63
N GLU B 301 15.36 13.45 5.03
CA GLU B 301 14.08 12.81 5.34
C GLU B 301 14.13 11.31 5.04
N GLU B 302 14.72 10.94 3.88
CA GLU B 302 14.90 9.55 3.43
C GLU B 302 15.83 8.80 4.37
N ALA B 303 16.89 9.48 4.86
CA ALA B 303 17.86 8.95 5.81
C ALA B 303 17.20 8.71 7.17
N LYS B 304 16.33 9.63 7.60
CA LYS B 304 15.62 9.56 8.88
C LYS B 304 14.46 8.56 8.87
N THR B 305 13.75 8.39 7.72
CA THR B 305 12.64 7.44 7.58
C THR B 305 13.10 6.01 7.83
N THR B 306 14.27 5.63 7.26
CA THR B 306 14.88 4.30 7.37
C THR B 306 15.33 4.03 8.80
N ALA B 307 15.92 5.05 9.44
CA ALA B 307 16.40 4.98 10.82
C ALA B 307 15.22 4.79 11.77
N ASN B 308 14.17 5.62 11.64
CA ASN B 308 12.96 5.53 12.48
C ASN B 308 12.26 4.17 12.28
N LEU B 309 12.21 3.69 11.01
CA LEU B 309 11.63 2.39 10.62
C LEU B 309 12.34 1.24 11.33
N ALA B 310 13.69 1.30 11.39
CA ALA B 310 14.56 0.34 12.05
C ALA B 310 14.22 0.27 13.54
N VAL B 311 14.13 1.45 14.20
CA VAL B 311 13.78 1.61 15.61
C VAL B 311 12.38 1.00 15.88
N ASP B 312 11.41 1.34 15.00
CA ASP B 312 10.03 0.87 15.06
C ASP B 312 9.93 -0.65 15.09
N VAL B 313 10.78 -1.35 14.29
CA VAL B 313 10.83 -2.81 14.18
C VAL B 313 11.28 -3.42 15.50
N ILE B 314 12.41 -2.90 16.06
CA ILE B 314 13.01 -3.36 17.32
C ILE B 314 12.04 -3.12 18.47
N ALA B 315 11.46 -1.89 18.53
CA ALA B 315 10.49 -1.50 19.55
C ALA B 315 9.25 -2.40 19.49
N SER B 316 8.72 -2.65 18.28
CA SER B 316 7.53 -3.50 18.10
C SER B 316 7.79 -4.94 18.51
N SER B 317 9.06 -5.36 18.41
CA SER B 317 9.53 -6.69 18.80
C SER B 317 9.59 -6.81 20.33
N PHE B 318 9.62 -5.67 21.05
CA PHE B 318 9.65 -5.64 22.51
C PHE B 318 8.48 -4.85 23.14
N GLY B 319 7.28 -5.02 22.58
CA GLY B 319 6.08 -4.40 23.15
C GLY B 319 5.31 -3.38 22.35
N GLN B 320 6.01 -2.39 21.75
CA GLN B 320 5.39 -1.31 20.96
C GLN B 320 4.36 -1.82 19.96
N THR B 321 3.16 -1.23 19.98
CA THR B 321 2.07 -1.61 19.09
C THR B 321 1.33 -0.35 18.59
N ARG B 322 0.34 -0.56 17.70
CA ARG B 322 -0.49 0.49 17.12
C ARG B 322 -1.63 0.83 18.08
N GLU B 323 -2.15 -0.20 18.80
CA GLU B 323 -3.20 -0.06 19.81
C GLU B 323 -2.69 0.64 21.07
N GLY B 324 -1.38 0.49 21.33
CA GLY B 324 -0.76 0.97 22.56
C GLY B 324 -0.98 -0.09 23.63
N GLY B 325 -1.01 0.31 24.89
CA GLY B 325 -1.25 -0.63 25.97
C GLY B 325 -0.02 -1.40 26.43
N HIS B 326 1.18 -0.94 26.01
CA HIS B 326 2.46 -1.49 26.43
C HIS B 326 2.69 -0.93 27.85
N ILE B 327 2.47 0.39 28.00
CA ILE B 327 2.52 1.14 29.26
C ILE B 327 1.15 0.97 29.93
N VAL B 328 1.13 0.41 31.14
CA VAL B 328 -0.10 0.19 31.93
C VAL B 328 -0.45 1.48 32.70
N TYR B 329 -1.68 1.99 32.50
CA TYR B 329 -2.17 3.20 33.19
C TYR B 329 -2.90 2.77 34.45
N ASP B 330 -2.44 3.32 35.59
CA ASP B 330 -2.91 3.07 36.96
C ASP B 330 -4.44 3.26 37.15
N GLN B 331 -4.91 4.53 37.14
CA GLN B 331 -6.31 4.95 37.29
C GLN B 331 -6.48 6.34 36.68
N LEU B 332 -7.73 6.71 36.33
CA LEU B 332 -8.04 8.02 35.78
C LEU B 332 -8.00 9.11 36.86
N PRO B 333 -7.30 10.23 36.62
CA PRO B 333 -7.26 11.30 37.62
C PRO B 333 -8.61 11.99 37.78
N THR B 334 -9.25 11.78 38.95
CA THR B 334 -10.56 12.35 39.28
C THR B 334 -10.41 13.85 39.63
N PRO B 335 -11.37 14.74 39.25
CA PRO B 335 -11.21 16.17 39.56
C PRO B 335 -11.54 16.51 41.01
N VAL C 18 -31.32 11.27 -4.15
CA VAL C 18 -30.99 12.68 -3.90
C VAL C 18 -30.75 12.90 -2.40
N HIS C 19 -29.58 13.46 -2.06
CA HIS C 19 -29.21 13.79 -0.68
C HIS C 19 -29.19 15.30 -0.50
N SER C 20 -29.79 15.79 0.58
CA SER C 20 -29.74 17.21 0.90
C SER C 20 -28.51 17.37 1.79
N VAL C 21 -27.46 18.06 1.27
CA VAL C 21 -26.17 18.22 1.93
C VAL C 21 -25.88 19.67 2.31
N ALA C 22 -25.60 19.90 3.61
CA ALA C 22 -25.23 21.20 4.19
C ALA C 22 -23.70 21.21 4.38
N VAL C 23 -23.02 22.22 3.82
CA VAL C 23 -21.56 22.37 3.91
C VAL C 23 -21.22 23.56 4.79
N ILE C 24 -20.64 23.27 5.97
CA ILE C 24 -20.26 24.26 6.98
C ILE C 24 -18.75 24.39 7.10
N GLY C 25 -18.26 25.60 6.82
CA GLY C 25 -16.86 25.93 6.97
C GLY C 25 -16.58 26.31 8.40
N ALA C 26 -15.76 25.51 9.10
CA ALA C 26 -15.41 25.72 10.50
C ALA C 26 -13.90 25.97 10.65
N PRO C 27 -13.41 27.22 10.41
CA PRO C 27 -11.96 27.50 10.53
C PRO C 27 -11.44 27.55 11.97
N PHE C 28 -11.41 26.37 12.62
CA PHE C 28 -10.95 26.12 13.99
C PHE C 28 -9.42 26.00 13.95
N SER C 29 -8.74 26.57 14.95
CA SER C 29 -7.28 26.49 15.06
C SER C 29 -6.82 26.36 16.50
N GLN C 30 -7.61 26.89 17.45
CA GLN C 30 -7.34 26.92 18.89
C GLN C 30 -7.32 25.53 19.61
N GLY C 31 -7.81 24.47 18.94
CA GLY C 31 -7.81 23.11 19.48
C GLY C 31 -6.42 22.51 19.62
N GLN C 32 -5.47 23.00 18.81
CA GLN C 32 -4.04 22.63 18.81
C GLN C 32 -3.14 23.87 18.69
N LYS C 33 -1.81 23.67 18.77
CA LYS C 33 -0.85 24.77 18.71
C LYS C 33 -0.36 25.08 17.29
N ARG C 34 -0.47 24.10 16.37
CA ARG C 34 -0.02 24.22 14.98
C ARG C 34 -0.95 25.12 14.13
N LYS C 35 -0.37 26.16 13.53
CA LYS C 35 -1.10 27.13 12.71
C LYS C 35 -1.23 26.71 11.22
N GLY C 36 -2.40 27.02 10.63
CA GLY C 36 -2.71 26.74 9.24
C GLY C 36 -3.95 25.89 8.98
N VAL C 37 -4.38 25.09 9.98
CA VAL C 37 -5.55 24.19 9.92
C VAL C 37 -6.88 24.98 9.72
N GLU C 38 -6.86 26.30 10.00
CA GLU C 38 -8.00 27.21 9.81
C GLU C 38 -8.26 27.50 8.31
N HIS C 39 -7.28 27.21 7.42
CA HIS C 39 -7.40 27.41 5.98
C HIS C 39 -7.92 26.16 5.25
N GLY C 40 -8.12 25.09 6.03
CA GLY C 40 -8.63 23.79 5.58
C GLY C 40 -9.98 23.80 4.87
N PRO C 41 -11.04 24.50 5.39
CA PRO C 41 -12.33 24.49 4.67
C PRO C 41 -12.24 25.12 3.29
N ALA C 42 -11.45 26.21 3.15
CA ALA C 42 -11.22 26.91 1.89
C ALA C 42 -10.46 26.01 0.92
N ALA C 43 -9.44 25.27 1.44
CA ALA C 43 -8.60 24.31 0.70
C ALA C 43 -9.42 23.17 0.11
N ILE C 44 -10.40 22.62 0.88
CA ILE C 44 -11.29 21.55 0.40
C ILE C 44 -12.21 22.09 -0.72
N ARG C 45 -12.75 23.31 -0.55
CA ARG C 45 -13.61 23.96 -1.57
C ARG C 45 -12.87 24.25 -2.88
N GLU C 46 -11.59 24.72 -2.82
CA GLU C 46 -10.74 25.00 -3.99
C GLU C 46 -10.49 23.72 -4.80
N ALA C 47 -10.51 22.56 -4.09
CA ALA C 47 -10.36 21.20 -4.64
C ALA C 47 -11.72 20.67 -5.19
N GLY C 48 -12.64 21.61 -5.46
CA GLY C 48 -13.96 21.39 -6.04
C GLY C 48 -14.90 20.46 -5.31
N LEU C 49 -15.11 20.68 -4.00
CA LEU C 49 -16.04 19.86 -3.20
C LEU C 49 -17.49 20.02 -3.67
N MET C 50 -17.87 21.28 -3.96
CA MET C 50 -19.22 21.64 -4.41
C MET C 50 -19.54 21.03 -5.77
N LYS C 51 -18.68 21.29 -6.77
CA LYS C 51 -18.79 20.76 -8.14
C LYS C 51 -18.97 19.25 -8.12
N ARG C 52 -18.25 18.57 -7.21
CA ARG C 52 -18.29 17.13 -7.04
C ARG C 52 -19.59 16.65 -6.36
N LEU C 53 -20.09 17.41 -5.37
CA LEU C 53 -21.35 17.07 -4.70
C LEU C 53 -22.55 17.38 -5.59
N SER C 54 -22.41 18.36 -6.50
CA SER C 54 -23.46 18.77 -7.43
C SER C 54 -23.75 17.66 -8.45
N SER C 55 -22.69 17.23 -9.19
CA SER C 55 -22.77 16.19 -10.22
C SER C 55 -23.02 14.79 -9.64
N LEU C 56 -23.29 14.73 -8.34
CA LEU C 56 -23.63 13.53 -7.59
C LEU C 56 -25.15 13.49 -7.43
N GLY C 57 -25.80 14.62 -7.79
CA GLY C 57 -27.23 14.81 -7.73
C GLY C 57 -27.73 15.36 -6.41
N CYS C 58 -26.81 15.75 -5.51
CA CYS C 58 -27.11 16.30 -4.18
C CYS C 58 -27.76 17.69 -4.26
N HIS C 59 -28.58 18.01 -3.24
CA HIS C 59 -29.24 19.31 -3.05
C HIS C 59 -28.34 20.05 -2.06
N LEU C 60 -27.63 21.07 -2.55
CA LEU C 60 -26.62 21.79 -1.79
C LEU C 60 -27.05 23.08 -1.12
N LYS C 61 -26.47 23.29 0.07
CA LYS C 61 -26.54 24.46 0.92
C LYS C 61 -25.14 24.64 1.51
N ASP C 62 -24.54 25.80 1.25
CA ASP C 62 -23.22 26.16 1.74
C ASP C 62 -23.39 27.32 2.73
N PHE C 63 -23.04 27.08 4.00
CA PHE C 63 -23.17 28.06 5.08
C PHE C 63 -21.99 29.06 5.13
N GLY C 64 -20.97 28.81 4.33
CA GLY C 64 -19.76 29.62 4.29
C GLY C 64 -18.86 29.30 5.46
N ASP C 65 -17.85 30.14 5.72
CA ASP C 65 -16.95 29.95 6.87
C ASP C 65 -17.49 30.76 8.03
N LEU C 66 -17.89 30.08 9.12
CA LEU C 66 -18.45 30.75 10.29
C LEU C 66 -17.41 31.62 10.97
N SER C 67 -17.74 32.90 11.19
CA SER C 67 -16.88 33.87 11.87
C SER C 67 -17.16 33.76 13.37
N PHE C 68 -16.31 33.01 14.08
CA PHE C 68 -16.45 32.78 15.53
C PHE C 68 -16.05 34.01 16.35
N THR C 69 -16.73 34.21 17.50
CA THR C 69 -16.51 35.32 18.42
C THR C 69 -15.12 35.19 19.09
N PRO C 70 -14.18 36.14 18.84
CA PRO C 70 -12.84 36.01 19.44
C PRO C 70 -12.80 36.40 20.91
N VAL C 71 -12.21 35.52 21.74
CA VAL C 71 -12.05 35.70 23.19
C VAL C 71 -10.61 36.23 23.45
N PRO C 72 -10.43 37.53 23.74
CA PRO C 72 -9.07 38.05 23.96
C PRO C 72 -8.45 37.63 25.29
N LYS C 73 -9.21 37.81 26.41
CA LYS C 73 -8.76 37.43 27.75
C LYS C 73 -9.08 35.94 27.97
N ASP C 74 -8.22 35.06 27.42
CA ASP C 74 -8.37 33.62 27.50
C ASP C 74 -7.09 32.98 28.05
N ASP C 75 -7.07 32.74 29.37
CA ASP C 75 -5.96 32.13 30.09
C ASP C 75 -6.09 30.61 30.16
N LEU C 76 -4.95 29.90 30.24
CA LEU C 76 -4.89 28.43 30.30
C LEU C 76 -5.35 27.86 31.64
N TYR C 77 -6.28 26.89 31.58
CA TYR C 77 -6.89 26.21 32.74
C TYR C 77 -5.91 25.22 33.37
N ASN C 78 -5.72 25.32 34.72
CA ASN C 78 -4.82 24.48 35.54
C ASN C 78 -3.38 24.43 34.98
N ASN C 79 -2.97 25.52 34.30
CA ASN C 79 -1.69 25.74 33.62
C ASN C 79 -1.29 24.56 32.69
N LEU C 80 -2.19 24.23 31.72
CA LEU C 80 -2.01 23.14 30.74
C LEU C 80 -2.91 23.29 29.51
N ILE C 81 -4.26 23.30 29.70
CA ILE C 81 -5.30 23.38 28.66
C ILE C 81 -5.27 24.72 27.92
N VAL C 82 -4.77 24.73 26.66
CA VAL C 82 -4.63 25.94 25.85
C VAL C 82 -5.98 26.33 25.18
N ASN C 83 -6.32 27.64 25.27
CA ASN C 83 -7.51 28.32 24.73
C ASN C 83 -8.86 27.58 25.01
N PRO C 84 -9.30 27.36 26.27
CA PRO C 84 -10.57 26.65 26.48
C PRO C 84 -11.83 27.47 26.21
N ARG C 85 -11.82 28.77 26.55
CA ARG C 85 -12.96 29.67 26.32
C ARG C 85 -13.23 29.85 24.84
N SER C 86 -12.17 30.06 24.03
CA SER C 86 -12.21 30.21 22.57
C SER C 86 -12.73 28.93 21.90
N VAL C 87 -12.33 27.75 22.40
CA VAL C 87 -12.76 26.46 21.87
C VAL C 87 -14.23 26.19 22.25
N GLY C 88 -14.55 26.31 23.54
CA GLY C 88 -15.89 26.10 24.08
C GLY C 88 -16.99 26.92 23.43
N LEU C 89 -16.73 28.24 23.22
CA LEU C 89 -17.68 29.18 22.62
C LEU C 89 -17.90 28.89 21.13
N ALA C 90 -16.81 28.76 20.35
CA ALA C 90 -16.84 28.46 18.91
C ALA C 90 -17.58 27.14 18.65
N ASN C 91 -17.40 26.15 19.53
CA ASN C 91 -18.10 24.87 19.45
C ASN C 91 -19.58 25.02 19.72
N GLN C 92 -19.95 25.90 20.69
CA GLN C 92 -21.37 26.19 21.00
C GLN C 92 -22.03 26.91 19.82
N GLU C 93 -21.26 27.80 19.14
CA GLU C 93 -21.72 28.54 17.96
C GLU C 93 -21.98 27.57 16.81
N LEU C 94 -21.05 26.61 16.60
CA LEU C 94 -21.14 25.57 15.57
C LEU C 94 -22.27 24.59 15.86
N ALA C 95 -22.46 24.18 17.13
CA ALA C 95 -23.53 23.28 17.56
C ALA C 95 -24.92 23.78 17.14
N GLU C 96 -25.15 25.12 17.18
CA GLU C 96 -26.41 25.76 16.79
C GLU C 96 -26.67 25.68 15.28
N VAL C 97 -25.61 25.93 14.47
CA VAL C 97 -25.62 25.91 13.00
C VAL C 97 -25.86 24.46 12.52
N VAL C 98 -25.17 23.49 13.13
CA VAL C 98 -25.30 22.04 12.88
C VAL C 98 -26.74 21.61 13.24
N SER C 99 -27.23 22.02 14.43
CA SER C 99 -28.58 21.74 14.96
C SER C 99 -29.66 22.23 13.98
N ARG C 100 -29.49 23.47 13.45
CA ARG C 100 -30.36 24.14 12.49
C ARG C 100 -30.46 23.29 11.20
N ALA C 101 -29.29 22.90 10.62
CA ALA C 101 -29.22 22.11 9.39
C ALA C 101 -29.83 20.71 9.50
N VAL C 102 -29.58 20.00 10.63
CA VAL C 102 -30.15 18.65 10.88
C VAL C 102 -31.69 18.75 10.89
N SER C 103 -32.21 19.86 11.49
CA SER C 103 -33.64 20.21 11.59
C SER C 103 -34.29 20.39 10.18
N ASP C 104 -33.61 21.10 9.26
CA ASP C 104 -34.05 21.32 7.88
C ASP C 104 -33.95 20.08 6.97
N GLY C 105 -33.55 18.93 7.53
CA GLY C 105 -33.41 17.67 6.80
C GLY C 105 -32.13 17.53 6.00
N TYR C 106 -31.09 18.31 6.35
CA TYR C 106 -29.77 18.29 5.69
C TYR C 106 -28.76 17.37 6.37
N SER C 107 -27.92 16.74 5.57
CA SER C 107 -26.79 15.92 6.01
C SER C 107 -25.72 16.96 6.26
N CYS C 108 -25.32 17.08 7.52
CA CYS C 108 -24.40 18.13 7.90
C CYS C 108 -22.94 17.76 7.75
N VAL C 109 -22.30 18.34 6.73
CA VAL C 109 -20.89 18.21 6.40
C VAL C 109 -20.17 19.42 6.99
N THR C 110 -19.19 19.16 7.88
CA THR C 110 -18.43 20.19 8.56
C THR C 110 -16.97 20.08 8.17
N LEU C 111 -16.46 21.13 7.51
CA LEU C 111 -15.08 21.21 7.05
C LEU C 111 -14.26 21.94 8.09
N GLY C 112 -13.22 21.26 8.58
CA GLY C 112 -12.31 21.80 9.58
C GLY C 112 -11.03 22.39 9.04
N GLY C 113 -10.16 22.91 9.90
CA GLY C 113 -10.30 22.94 11.35
C GLY C 113 -9.81 21.68 12.03
N ASP C 114 -9.37 21.80 13.28
CA ASP C 114 -8.88 20.67 14.06
C ASP C 114 -10.05 19.85 14.64
N HIS C 115 -9.79 18.59 15.05
CA HIS C 115 -10.83 17.68 15.55
C HIS C 115 -11.57 18.13 16.83
N SER C 116 -11.22 19.30 17.43
CA SER C 116 -11.93 19.80 18.61
C SER C 116 -13.33 20.27 18.21
N LEU C 117 -13.54 20.61 16.92
CA LEU C 117 -14.83 21.05 16.42
C LEU C 117 -15.89 19.92 16.41
N ALA C 118 -15.47 18.65 16.55
CA ALA C 118 -16.37 17.50 16.65
C ALA C 118 -17.23 17.59 17.91
N ILE C 119 -16.80 18.41 18.90
CA ILE C 119 -17.54 18.69 20.14
C ILE C 119 -18.87 19.33 19.72
N GLY C 120 -18.79 20.42 18.98
CA GLY C 120 -19.95 21.15 18.47
C GLY C 120 -20.76 20.40 17.44
N THR C 121 -20.10 19.63 16.56
CA THR C 121 -20.80 18.87 15.52
C THR C 121 -21.63 17.72 16.08
N ILE C 122 -21.04 16.86 16.95
CA ILE C 122 -21.78 15.75 17.53
C ILE C 122 -22.85 16.29 18.48
N SER C 123 -22.52 17.35 19.27
CA SER C 123 -23.44 18.03 20.19
C SER C 123 -24.73 18.53 19.51
N GLY C 124 -24.59 19.29 18.42
CA GLY C 124 -25.71 19.84 17.65
C GLY C 124 -26.51 18.80 16.92
N HIS C 125 -25.87 17.70 16.53
CA HIS C 125 -26.47 16.57 15.86
C HIS C 125 -27.36 15.76 16.83
N ALA C 126 -26.88 15.54 18.06
CA ALA C 126 -27.54 14.80 19.13
C ALA C 126 -28.81 15.46 19.69
N ARG C 127 -28.99 16.78 19.45
CA ARG C 127 -30.17 17.54 19.88
C ARG C 127 -31.42 16.99 19.17
N HIS C 128 -31.32 16.80 17.83
CA HIS C 128 -32.40 16.26 16.98
C HIS C 128 -32.23 14.76 16.73
N CYS C 129 -30.99 14.23 16.87
CA CYS C 129 -30.69 12.82 16.68
C CYS C 129 -30.11 12.24 17.97
N PRO C 130 -30.89 12.07 19.06
CA PRO C 130 -30.31 11.51 20.29
C PRO C 130 -29.91 10.02 20.21
N ASP C 131 -30.33 9.31 19.16
CA ASP C 131 -29.95 7.91 19.00
C ASP C 131 -28.88 7.77 17.92
N LEU C 132 -28.07 8.82 17.72
CA LEU C 132 -27.02 8.78 16.75
C LEU C 132 -25.87 7.86 17.18
N CYS C 133 -25.18 7.30 16.21
CA CYS C 133 -23.99 6.52 16.45
C CYS C 133 -22.83 7.16 15.67
N VAL C 134 -21.63 7.17 16.28
CA VAL C 134 -20.45 7.78 15.69
C VAL C 134 -19.47 6.76 15.14
N VAL C 135 -18.91 7.09 13.97
CA VAL C 135 -17.84 6.36 13.30
C VAL C 135 -16.67 7.38 13.28
N TRP C 136 -15.67 7.10 14.15
CA TRP C 136 -14.47 7.91 14.34
C TRP C 136 -13.29 7.31 13.56
N VAL C 137 -12.99 7.91 12.41
CA VAL C 137 -11.93 7.48 11.51
C VAL C 137 -10.78 8.44 11.72
N ASP C 138 -9.77 7.97 12.47
CA ASP C 138 -8.65 8.77 12.96
C ASP C 138 -7.46 7.89 13.34
N ALA C 139 -6.24 8.46 13.30
CA ALA C 139 -5.00 7.79 13.73
C ALA C 139 -5.00 7.69 15.26
N HIS C 140 -5.61 8.68 15.94
CA HIS C 140 -5.72 8.80 17.39
C HIS C 140 -7.15 8.60 17.89
N ALA C 141 -7.30 8.37 19.20
CA ALA C 141 -8.61 8.16 19.83
C ALA C 141 -9.27 9.46 20.28
N ASP C 142 -8.48 10.51 20.56
CA ASP C 142 -8.94 11.83 21.01
C ASP C 142 -9.91 11.76 22.22
N ILE C 143 -9.68 10.79 23.10
CA ILE C 143 -10.52 10.51 24.27
C ILE C 143 -9.80 10.89 25.59
N ASN C 144 -8.70 11.68 25.48
CA ASN C 144 -7.97 12.19 26.63
C ASN C 144 -8.88 13.15 27.41
N THR C 145 -8.93 13.02 28.75
CA THR C 145 -9.71 13.94 29.59
C THR C 145 -8.79 15.14 29.89
N PRO C 146 -9.31 16.31 30.34
CA PRO C 146 -8.41 17.44 30.65
C PRO C 146 -7.44 17.19 31.80
N LEU C 147 -7.53 16.00 32.42
CA LEU C 147 -6.68 15.57 33.53
C LEU C 147 -5.67 14.49 33.12
N THR C 148 -5.70 14.08 31.83
CA THR C 148 -4.78 13.07 31.28
C THR C 148 -3.91 13.62 30.15
N THR C 149 -4.41 14.62 29.39
CA THR C 149 -3.69 15.25 28.29
C THR C 149 -2.27 15.67 28.68
N SER C 150 -1.29 15.40 27.80
CA SER C 150 0.14 15.71 27.99
C SER C 150 0.52 17.02 27.28
N SER C 151 -0.22 17.36 26.21
CA SER C 151 0.02 18.55 25.39
C SER C 151 -0.89 19.73 25.76
N GLY C 152 -2.03 19.44 26.38
CA GLY C 152 -3.02 20.44 26.76
C GLY C 152 -3.80 20.95 25.56
N ASN C 153 -3.77 20.17 24.46
CA ASN C 153 -4.45 20.47 23.22
C ASN C 153 -5.80 19.77 23.20
N LEU C 154 -6.86 20.58 23.08
CA LEU C 154 -8.26 20.16 23.10
C LEU C 154 -8.66 19.31 21.89
N HIS C 155 -7.94 19.41 20.75
CA HIS C 155 -8.19 18.63 19.54
C HIS C 155 -8.00 17.09 19.74
N GLY C 156 -7.27 16.72 20.79
CA GLY C 156 -7.02 15.33 21.17
C GLY C 156 -7.81 14.96 22.42
N GLN C 157 -8.78 15.80 22.78
CA GLN C 157 -9.66 15.64 23.93
C GLN C 157 -11.19 15.68 23.59
N PRO C 158 -11.68 15.76 22.33
CA PRO C 158 -13.13 15.96 22.12
C PRO C 158 -14.08 14.88 22.64
N VAL C 159 -13.75 13.60 22.43
CA VAL C 159 -14.58 12.46 22.84
C VAL C 159 -14.85 12.43 24.35
N SER C 160 -13.89 12.91 25.18
CA SER C 160 -14.00 12.95 26.64
C SER C 160 -15.26 13.67 27.11
N PHE C 161 -15.48 14.90 26.59
CA PHE C 161 -16.62 15.75 26.88
C PHE C 161 -17.97 15.16 26.38
N LEU C 162 -17.95 14.49 25.21
CA LEU C 162 -19.16 13.91 24.58
C LEU C 162 -19.53 12.51 25.09
N LEU C 163 -18.62 11.83 25.83
CA LEU C 163 -18.86 10.50 26.38
C LEU C 163 -19.63 10.59 27.71
N ARG C 164 -20.68 9.77 27.82
CA ARG C 164 -21.57 9.70 28.98
C ARG C 164 -20.94 9.11 30.22
N GLU C 165 -20.22 7.99 30.06
CA GLU C 165 -19.61 7.27 31.18
C GLU C 165 -18.35 7.96 31.74
N LEU C 166 -17.82 8.99 31.03
CA LEU C 166 -16.64 9.73 31.45
C LEU C 166 -16.95 11.05 32.18
N GLN C 167 -18.24 11.38 32.37
CA GLN C 167 -18.70 12.62 33.02
C GLN C 167 -18.08 12.89 34.41
N ASP C 168 -18.00 11.84 35.26
CA ASP C 168 -17.42 11.96 36.61
C ASP C 168 -15.90 12.16 36.59
N LYS C 169 -15.25 11.82 35.46
CA LYS C 169 -13.81 11.97 35.28
C LYS C 169 -13.46 13.25 34.52
N VAL C 170 -14.46 13.91 33.91
CA VAL C 170 -14.25 15.14 33.14
C VAL C 170 -14.60 16.40 33.98
N PRO C 171 -13.61 17.27 34.26
CA PRO C 171 -13.89 18.49 35.02
C PRO C 171 -14.56 19.56 34.16
N GLN C 172 -15.28 20.48 34.82
CA GLN C 172 -15.95 21.58 34.12
C GLN C 172 -14.94 22.67 33.77
N LEU C 173 -14.73 22.88 32.48
CA LEU C 173 -13.78 23.85 31.93
C LEU C 173 -14.46 25.21 31.69
N PRO C 174 -13.70 26.34 31.62
CA PRO C 174 -14.36 27.63 31.34
C PRO C 174 -14.93 27.72 29.92
N GLY C 175 -16.25 27.68 29.82
CA GLY C 175 -16.99 27.72 28.56
C GLY C 175 -17.34 26.36 28.00
N PHE C 176 -17.43 25.32 28.85
CA PHE C 176 -17.73 23.95 28.43
C PHE C 176 -18.97 23.36 29.11
N SER C 177 -19.77 24.22 29.76
CA SER C 177 -21.00 23.83 30.49
C SER C 177 -22.14 23.37 29.61
N TRP C 178 -22.36 24.10 28.48
CA TRP C 178 -23.43 23.83 27.50
C TRP C 178 -23.42 22.39 27.05
N ILE C 179 -22.21 21.76 27.01
CA ILE C 179 -21.99 20.37 26.62
C ILE C 179 -22.60 19.45 27.65
N LYS C 180 -23.53 18.64 27.18
CA LYS C 180 -24.16 17.60 27.95
C LYS C 180 -23.76 16.29 27.27
N PRO C 181 -23.10 15.34 27.99
CA PRO C 181 -22.69 14.08 27.34
C PRO C 181 -23.86 13.40 26.61
N CYS C 182 -23.78 13.46 25.27
CA CYS C 182 -24.80 13.00 24.32
C CYS C 182 -24.61 11.57 23.79
N ILE C 183 -23.38 11.05 23.71
CA ILE C 183 -23.19 9.69 23.22
C ILE C 183 -22.59 8.74 24.26
N SER C 184 -23.09 7.50 24.29
CA SER C 184 -22.63 6.44 25.17
C SER C 184 -21.50 5.64 24.49
N SER C 185 -20.74 4.86 25.29
CA SER C 185 -19.59 4.03 24.88
C SER C 185 -19.89 2.95 23.82
N ALA C 186 -21.16 2.47 23.75
CA ALA C 186 -21.56 1.47 22.75
C ALA C 186 -21.98 2.12 21.41
N SER C 187 -22.08 3.46 21.39
CA SER C 187 -22.50 4.24 20.21
C SER C 187 -21.34 4.79 19.38
N ILE C 188 -20.09 4.71 19.88
CA ILE C 188 -18.92 5.17 19.11
C ILE C 188 -17.96 4.01 18.73
N VAL C 189 -17.62 3.92 17.43
CA VAL C 189 -16.69 2.92 16.90
C VAL C 189 -15.56 3.63 16.14
N TYR C 190 -14.32 3.38 16.60
CA TYR C 190 -13.06 3.88 16.07
C TYR C 190 -12.52 2.98 14.98
N ILE C 191 -11.90 3.60 13.96
CA ILE C 191 -11.24 2.94 12.84
C ILE C 191 -9.98 3.74 12.51
N GLY C 192 -8.84 3.05 12.41
CA GLY C 192 -7.55 3.61 12.00
C GLY C 192 -6.52 3.91 13.07
N LEU C 193 -6.79 3.50 14.32
CA LEU C 193 -5.94 3.74 15.50
C LEU C 193 -4.53 3.20 15.36
N ARG C 194 -3.53 4.05 15.72
CA ARG C 194 -2.11 3.70 15.63
C ARG C 194 -1.18 4.54 16.56
N ASP C 195 -1.69 5.63 17.18
CA ASP C 195 -0.97 6.49 18.12
C ASP C 195 -1.90 6.81 19.28
N VAL C 196 -2.14 5.79 20.10
CA VAL C 196 -3.00 5.81 21.27
C VAL C 196 -2.16 6.00 22.55
N ASP C 197 -2.53 7.02 23.36
CA ASP C 197 -1.85 7.33 24.61
C ASP C 197 -2.21 6.32 25.70
N PRO C 198 -1.31 6.02 26.67
CA PRO C 198 -1.67 5.07 27.75
C PRO C 198 -2.97 5.42 28.51
N PRO C 199 -3.33 6.70 28.83
CA PRO C 199 -4.64 6.95 29.46
C PRO C 199 -5.79 6.70 28.47
N GLU C 200 -5.59 7.05 27.17
CA GLU C 200 -6.56 6.83 26.08
C GLU C 200 -6.85 5.33 25.97
N HIS C 201 -5.79 4.48 25.96
CA HIS C 201 -5.90 3.02 25.89
C HIS C 201 -6.68 2.43 27.06
N PHE C 202 -6.50 3.03 28.26
CA PHE C 202 -7.16 2.63 29.50
C PHE C 202 -8.68 2.82 29.38
N ILE C 203 -9.12 4.00 28.91
CA ILE C 203 -10.52 4.37 28.72
C ILE C 203 -11.21 3.38 27.74
N LEU C 204 -10.57 3.14 26.59
CA LEU C 204 -11.05 2.26 25.53
C LEU C 204 -11.26 0.80 25.96
N LYS C 205 -10.49 0.34 26.96
CA LYS C 205 -10.59 -1.03 27.47
C LYS C 205 -11.52 -1.16 28.67
N ASN C 206 -11.50 -0.16 29.58
CA ASN C 206 -12.31 -0.16 30.80
C ASN C 206 -13.75 0.23 30.57
N TYR C 207 -13.99 1.20 29.67
CA TYR C 207 -15.34 1.67 29.33
C TYR C 207 -15.98 0.87 28.17
N ASP C 208 -15.24 -0.13 27.62
CA ASP C 208 -15.67 -1.05 26.56
C ASP C 208 -15.94 -0.39 25.20
N ILE C 209 -15.22 0.70 24.87
CA ILE C 209 -15.35 1.37 23.58
C ILE C 209 -14.69 0.47 22.50
N GLN C 210 -15.49 0.07 21.51
CA GLN C 210 -15.05 -0.79 20.41
C GLN C 210 -14.25 -0.02 19.37
N TYR C 211 -13.12 -0.60 18.95
CA TYR C 211 -12.22 0.03 17.98
C TYR C 211 -11.59 -0.96 17.01
N PHE C 212 -11.10 -0.42 15.90
CA PHE C 212 -10.40 -1.15 14.84
C PHE C 212 -9.16 -0.35 14.49
N SER C 213 -8.03 -0.73 15.12
CA SER C 213 -6.72 -0.14 14.89
C SER C 213 -6.19 -0.69 13.57
N MET C 214 -5.05 -0.15 13.07
CA MET C 214 -4.44 -0.63 11.84
C MET C 214 -4.15 -2.12 11.89
N ARG C 215 -3.74 -2.64 13.07
CA ARG C 215 -3.51 -4.06 13.30
C ARG C 215 -4.80 -4.88 13.08
N ASP C 216 -5.97 -4.37 13.55
CA ASP C 216 -7.28 -5.02 13.35
C ASP C 216 -7.65 -5.06 11.83
N ILE C 217 -7.29 -3.99 11.10
CA ILE C 217 -7.51 -3.83 9.66
C ILE C 217 -6.57 -4.81 8.89
N ASP C 218 -5.29 -4.93 9.33
CA ASP C 218 -4.27 -5.81 8.76
C ASP C 218 -4.72 -7.26 8.89
N ARG C 219 -5.29 -7.62 10.05
CA ARG C 219 -5.78 -8.94 10.36
C ARG C 219 -7.06 -9.29 9.58
N LEU C 220 -8.13 -8.49 9.76
CA LEU C 220 -9.46 -8.74 9.19
C LEU C 220 -9.72 -8.28 7.75
N GLY C 221 -9.17 -7.12 7.37
CA GLY C 221 -9.41 -6.51 6.06
C GLY C 221 -10.52 -5.48 6.24
N ILE C 222 -10.42 -4.33 5.51
CA ILE C 222 -11.39 -3.22 5.63
C ILE C 222 -12.87 -3.67 5.43
N GLN C 223 -13.15 -4.70 4.61
CA GLN C 223 -14.51 -5.23 4.41
C GLN C 223 -15.08 -5.72 5.74
N LYS C 224 -14.34 -6.61 6.44
CA LYS C 224 -14.77 -7.17 7.72
C LYS C 224 -14.88 -6.13 8.83
N VAL C 225 -14.05 -5.05 8.76
CA VAL C 225 -14.05 -3.93 9.69
C VAL C 225 -15.42 -3.21 9.65
N MET C 226 -15.82 -2.72 8.46
CA MET C 226 -17.10 -2.05 8.20
C MET C 226 -18.31 -2.92 8.59
N GLU C 227 -18.28 -4.22 8.24
CA GLU C 227 -19.34 -5.18 8.58
C GLU C 227 -19.48 -5.33 10.09
N ARG C 228 -18.33 -5.42 10.80
CA ARG C 228 -18.32 -5.53 12.25
C ARG C 228 -18.70 -4.23 12.92
N THR C 229 -18.32 -3.07 12.32
CA THR C 229 -18.64 -1.72 12.81
C THR C 229 -20.16 -1.55 12.81
N PHE C 230 -20.80 -1.87 11.67
CA PHE C 230 -22.23 -1.80 11.47
C PHE C 230 -22.98 -2.83 12.32
N ASP C 231 -22.34 -3.96 12.67
CA ASP C 231 -22.96 -4.97 13.55
C ASP C 231 -23.09 -4.43 14.96
N LEU C 232 -22.09 -3.64 15.41
CA LEU C 232 -22.04 -3.05 16.75
C LEU C 232 -22.97 -1.84 16.89
N LEU C 233 -23.09 -1.04 15.83
CA LEU C 233 -23.86 0.20 15.82
C LEU C 233 -25.29 0.08 15.33
N ILE C 234 -25.49 -0.57 14.17
CA ILE C 234 -26.81 -0.66 13.56
C ILE C 234 -27.32 -2.12 13.42
N GLY C 235 -26.80 -2.99 14.27
CA GLY C 235 -27.16 -4.40 14.30
C GLY C 235 -28.56 -4.68 14.78
N LYS C 236 -29.07 -3.85 15.73
CA LYS C 236 -30.41 -3.97 16.33
C LYS C 236 -31.44 -3.02 15.70
N ARG C 237 -30.99 -1.87 15.16
CA ARG C 237 -31.84 -0.88 14.52
C ARG C 237 -31.04 0.10 13.68
N GLN C 238 -31.71 0.78 12.74
CA GLN C 238 -31.12 1.83 11.92
C GLN C 238 -31.07 3.11 12.76
N ARG C 239 -29.92 3.77 12.77
CA ARG C 239 -29.66 4.96 13.57
C ARG C 239 -28.99 6.02 12.70
N PRO C 240 -29.11 7.34 13.00
CA PRO C 240 -28.37 8.35 12.22
C PRO C 240 -26.86 8.17 12.41
N ILE C 241 -26.12 8.19 11.31
CA ILE C 241 -24.68 8.00 11.38
C ILE C 241 -23.92 9.35 11.36
N HIS C 242 -23.02 9.52 12.35
CA HIS C 242 -22.14 10.68 12.41
C HIS C 242 -20.74 10.19 12.09
N LEU C 243 -20.24 10.50 10.89
CA LEU C 243 -18.90 10.10 10.49
C LEU C 243 -17.92 11.24 10.79
N SER C 244 -17.10 11.05 11.83
CA SER C 244 -16.09 12.01 12.25
C SER C 244 -14.76 11.51 11.67
N PHE C 245 -14.40 12.09 10.53
CA PHE C 245 -13.23 11.71 9.74
C PHE C 245 -12.05 12.67 9.87
N ASP C 246 -10.99 12.21 10.53
CA ASP C 246 -9.74 12.92 10.67
C ASP C 246 -8.93 12.52 9.43
N ILE C 247 -8.34 13.51 8.74
CA ILE C 247 -7.57 13.23 7.54
C ILE C 247 -6.30 12.40 7.86
N ASP C 248 -5.70 12.59 9.07
CA ASP C 248 -4.50 11.84 9.45
C ASP C 248 -4.80 10.34 9.68
N ALA C 249 -6.01 9.84 9.32
CA ALA C 249 -6.38 8.43 9.43
C ALA C 249 -5.69 7.66 8.30
N PHE C 250 -5.42 8.39 7.20
CA PHE C 250 -4.73 7.89 6.03
C PHE C 250 -3.24 8.02 6.32
N ASP C 251 -2.42 7.26 5.58
CA ASP C 251 -0.96 7.32 5.68
C ASP C 251 -0.45 8.74 5.32
N PRO C 252 0.57 9.29 6.04
CA PRO C 252 1.08 10.63 5.69
C PRO C 252 1.52 10.83 4.25
N THR C 253 1.93 9.75 3.51
CA THR C 253 2.30 9.81 2.08
C THR C 253 1.11 10.31 1.22
N LEU C 254 -0.12 9.82 1.54
CA LEU C 254 -1.40 10.15 0.89
C LEU C 254 -1.96 11.49 1.37
N ALA C 255 -1.92 11.74 2.70
CA ALA C 255 -2.40 12.97 3.34
C ALA C 255 -1.23 13.75 4.04
N PRO C 256 -0.32 14.39 3.27
CA PRO C 256 0.82 15.07 3.93
C PRO C 256 0.49 16.31 4.76
N ALA C 257 -0.44 17.15 4.28
CA ALA C 257 -0.79 18.41 4.93
C ALA C 257 -1.74 18.28 6.17
N THR C 258 -1.22 17.65 7.24
CA THR C 258 -1.90 17.43 8.53
C THR C 258 -0.93 17.75 9.69
N GLY C 259 -1.47 18.16 10.83
CA GLY C 259 -0.72 18.53 12.03
C GLY C 259 -0.01 17.41 12.77
N THR C 260 -0.68 16.25 12.92
CA THR C 260 -0.07 15.12 13.63
C THR C 260 0.02 13.87 12.71
N PRO C 261 0.97 13.83 11.74
CA PRO C 261 1.06 12.65 10.87
C PRO C 261 1.63 11.44 11.59
N VAL C 262 1.08 10.25 11.34
CA VAL C 262 1.53 8.99 11.94
C VAL C 262 1.59 7.93 10.83
N VAL C 263 2.77 7.32 10.63
CA VAL C 263 3.08 6.31 9.61
C VAL C 263 2.28 5.00 9.83
N GLY C 264 1.96 4.34 8.72
CA GLY C 264 1.21 3.08 8.68
C GLY C 264 -0.29 3.30 8.72
N GLY C 265 -0.75 4.31 7.98
CA GLY C 265 -2.15 4.70 7.94
C GLY C 265 -2.94 3.97 6.90
N LEU C 266 -4.23 4.34 6.79
CA LEU C 266 -5.15 3.74 5.81
C LEU C 266 -4.69 4.01 4.40
N THR C 267 -4.93 3.06 3.51
CA THR C 267 -4.63 3.24 2.09
C THR C 267 -5.81 4.02 1.51
N TYR C 268 -5.59 4.73 0.39
CA TYR C 268 -6.62 5.49 -0.31
C TYR C 268 -7.84 4.60 -0.55
N ARG C 269 -7.58 3.36 -0.98
CA ARG C 269 -8.61 2.36 -1.24
C ARG C 269 -9.41 2.02 0.00
N GLU C 270 -8.75 1.94 1.14
CA GLU C 270 -9.42 1.63 2.41
C GLU C 270 -10.32 2.73 2.92
N GLY C 271 -9.85 3.98 2.79
CA GLY C 271 -10.56 5.18 3.20
C GLY C 271 -11.82 5.39 2.40
N MET C 272 -11.76 5.07 1.10
CA MET C 272 -12.91 5.15 0.18
C MET C 272 -13.85 4.01 0.50
N TYR C 273 -13.32 2.84 0.90
CA TYR C 273 -14.16 1.70 1.23
C TYR C 273 -15.06 2.00 2.41
N ILE C 274 -14.50 2.65 3.46
CA ILE C 274 -15.21 3.07 4.67
C ILE C 274 -16.38 3.93 4.20
N ALA C 275 -16.08 5.06 3.51
CA ALA C 275 -17.01 6.04 2.96
C ALA C 275 -18.13 5.42 2.12
N GLU C 276 -17.77 4.55 1.16
CA GLU C 276 -18.72 3.84 0.29
C GLU C 276 -19.69 2.98 1.10
N GLU C 277 -19.20 2.35 2.18
CA GLU C 277 -20.00 1.51 3.05
C GLU C 277 -20.97 2.33 3.91
N ILE C 278 -20.50 3.53 4.38
CA ILE C 278 -21.25 4.52 5.16
C ILE C 278 -22.41 5.05 4.29
N HIS C 279 -22.16 5.15 2.96
CA HIS C 279 -23.16 5.59 1.99
C HIS C 279 -24.18 4.49 1.69
N ASN C 280 -23.73 3.23 1.53
CA ASN C 280 -24.57 2.07 1.23
C ASN C 280 -25.69 1.83 2.24
N THR C 281 -25.45 2.18 3.52
CA THR C 281 -26.46 2.06 4.59
C THR C 281 -27.60 3.07 4.38
N GLY C 282 -27.26 4.23 3.79
CA GLY C 282 -28.17 5.34 3.52
C GLY C 282 -28.59 6.04 4.80
N LEU C 283 -27.74 5.92 5.85
CA LEU C 283 -27.96 6.41 7.21
C LEU C 283 -27.10 7.59 7.63
N LEU C 284 -26.13 8.02 6.81
CA LEU C 284 -25.27 9.16 7.15
C LEU C 284 -26.10 10.41 7.37
N SER C 285 -26.00 10.98 8.57
CA SER C 285 -26.73 12.17 8.97
C SER C 285 -25.82 13.41 9.12
N ALA C 286 -24.56 13.19 9.48
CA ALA C 286 -23.56 14.23 9.66
C ALA C 286 -22.15 13.67 9.46
N LEU C 287 -21.27 14.48 8.86
CA LEU C 287 -19.90 14.16 8.55
C LEU C 287 -18.97 15.35 8.81
N ASP C 288 -17.84 15.08 9.50
CA ASP C 288 -16.81 16.09 9.73
C ASP C 288 -15.56 15.63 9.00
N LEU C 289 -14.89 16.57 8.35
CA LEU C 289 -13.64 16.35 7.64
C LEU C 289 -12.68 17.34 8.25
N VAL C 290 -11.75 16.82 9.06
CA VAL C 290 -10.85 17.65 9.86
C VAL C 290 -9.36 17.36 9.67
N GLU C 291 -8.54 18.28 10.21
CA GLU C 291 -7.09 18.31 10.27
C GLU C 291 -6.40 18.58 8.91
N VAL C 292 -7.14 19.13 7.93
CA VAL C 292 -6.54 19.45 6.64
C VAL C 292 -5.83 20.82 6.79
N ASN C 293 -4.52 20.76 7.04
CA ASN C 293 -3.66 21.93 7.24
C ASN C 293 -2.81 22.20 5.98
N PRO C 294 -3.24 23.10 5.06
CA PRO C 294 -2.44 23.35 3.84
C PRO C 294 -1.11 24.09 4.06
N GLN C 295 -0.91 24.69 5.24
CA GLN C 295 0.32 25.41 5.59
C GLN C 295 1.47 24.43 5.86
N LEU C 296 1.15 23.27 6.48
CA LEU C 296 2.12 22.23 6.85
C LEU C 296 2.57 21.32 5.69
N ALA C 297 2.32 21.75 4.45
CA ALA C 297 2.72 21.02 3.24
C ALA C 297 4.03 21.64 2.72
N THR C 298 4.96 20.78 2.30
CA THR C 298 6.28 21.17 1.78
C THR C 298 6.17 21.86 0.42
N SER C 299 5.33 21.32 -0.46
CA SER C 299 5.10 21.82 -1.82
C SER C 299 3.61 22.14 -2.07
N GLU C 300 3.33 22.88 -3.16
CA GLU C 300 1.97 23.26 -3.58
C GLU C 300 1.12 22.03 -3.92
N GLU C 301 1.74 21.01 -4.52
CA GLU C 301 1.05 19.77 -4.88
C GLU C 301 0.77 18.86 -3.67
N GLU C 302 1.51 19.01 -2.56
CA GLU C 302 1.32 18.23 -1.34
C GLU C 302 0.00 18.65 -0.67
N ALA C 303 -0.28 19.98 -0.62
CA ALA C 303 -1.50 20.54 -0.05
C ALA C 303 -2.71 20.14 -0.90
N LYS C 304 -2.61 20.31 -2.24
CA LYS C 304 -3.65 19.98 -3.22
C LYS C 304 -4.01 18.50 -3.21
N THR C 305 -3.03 17.62 -2.90
CA THR C 305 -3.23 16.17 -2.80
C THR C 305 -4.05 15.86 -1.55
N THR C 306 -3.75 16.55 -0.42
CA THR C 306 -4.46 16.37 0.85
C THR C 306 -5.90 16.86 0.73
N ALA C 307 -6.10 18.02 0.07
CA ALA C 307 -7.41 18.62 -0.16
C ALA C 307 -8.29 17.73 -1.05
N ASN C 308 -7.75 17.30 -2.22
CA ASN C 308 -8.44 16.44 -3.19
C ASN C 308 -8.86 15.11 -2.59
N LEU C 309 -8.03 14.60 -1.65
CA LEU C 309 -8.26 13.36 -0.94
C LEU C 309 -9.48 13.54 -0.06
N ALA C 310 -9.57 14.67 0.65
CA ALA C 310 -10.67 15.03 1.52
C ALA C 310 -11.98 15.16 0.73
N VAL C 311 -11.89 15.69 -0.51
CA VAL C 311 -12.99 15.85 -1.45
C VAL C 311 -13.47 14.47 -1.89
N ASP C 312 -12.54 13.50 -2.05
CA ASP C 312 -12.91 12.13 -2.42
C ASP C 312 -13.67 11.44 -1.30
N VAL C 313 -13.29 11.74 -0.03
CA VAL C 313 -13.92 11.21 1.20
C VAL C 313 -15.39 11.62 1.31
N ILE C 314 -15.67 12.93 1.29
CA ILE C 314 -17.03 13.47 1.40
C ILE C 314 -17.88 12.96 0.24
N ALA C 315 -17.35 13.06 -1.00
CA ALA C 315 -18.04 12.63 -2.21
C ALA C 315 -18.38 11.15 -2.19
N SER C 316 -17.46 10.30 -1.73
CA SER C 316 -17.64 8.84 -1.61
C SER C 316 -18.73 8.50 -0.58
N SER C 317 -18.80 9.31 0.48
CA SER C 317 -19.77 9.17 1.55
C SER C 317 -21.20 9.54 1.09
N PHE C 318 -21.31 10.24 -0.07
CA PHE C 318 -22.59 10.63 -0.63
C PHE C 318 -22.92 10.02 -1.99
N GLY C 319 -22.23 8.96 -2.38
CA GLY C 319 -22.54 8.29 -3.64
C GLY C 319 -21.41 7.93 -4.56
N GLN C 320 -20.37 8.77 -4.66
CA GLN C 320 -19.22 8.50 -5.55
C GLN C 320 -18.66 7.11 -5.30
N THR C 321 -18.58 6.32 -6.37
CA THR C 321 -18.09 4.94 -6.34
C THR C 321 -17.03 4.74 -7.38
N ARG C 322 -16.38 3.58 -7.31
CA ARG C 322 -15.32 3.16 -8.19
C ARG C 322 -15.89 2.30 -9.32
N GLU C 323 -17.13 1.78 -9.13
CA GLU C 323 -17.90 1.02 -10.12
C GLU C 323 -18.61 1.98 -11.10
N GLY C 324 -18.99 3.17 -10.61
CA GLY C 324 -19.65 4.22 -11.39
C GLY C 324 -21.16 4.36 -11.29
N GLY C 325 -21.81 3.45 -10.55
CA GLY C 325 -23.27 3.38 -10.41
C GLY C 325 -23.99 4.37 -9.51
N HIS C 326 -23.60 5.67 -9.57
CA HIS C 326 -24.25 6.71 -8.78
C HIS C 326 -25.25 7.52 -9.60
N ILE C 327 -24.88 7.89 -10.84
CA ILE C 327 -25.76 8.61 -11.78
C ILE C 327 -26.57 7.54 -12.52
N VAL C 328 -27.90 7.76 -12.64
CA VAL C 328 -28.84 6.84 -13.28
C VAL C 328 -28.63 6.78 -14.81
N TYR C 329 -28.60 5.55 -15.35
CA TYR C 329 -28.51 5.25 -16.78
C TYR C 329 -29.35 4.00 -17.01
N ASP C 330 -30.42 4.13 -17.80
CA ASP C 330 -31.37 3.03 -18.02
C ASP C 330 -31.55 2.64 -19.49
N GLN C 331 -31.08 3.49 -20.42
CA GLN C 331 -31.19 3.18 -21.84
C GLN C 331 -30.04 3.76 -22.66
N LEU C 332 -29.51 2.94 -23.57
CA LEU C 332 -28.41 3.27 -24.47
C LEU C 332 -28.91 3.99 -25.71
N PRO C 333 -28.18 5.02 -26.18
CA PRO C 333 -28.56 5.66 -27.45
C PRO C 333 -28.28 4.72 -28.64
N THR C 334 -29.18 4.69 -29.63
CA THR C 334 -29.08 3.83 -30.82
C THR C 334 -28.76 4.65 -32.07
N PRO C 335 -28.02 4.09 -33.07
CA PRO C 335 -27.65 4.88 -34.27
C PRO C 335 -28.78 5.20 -35.25
MN MN D . -7.37 1.97 -21.68
MN MN E . -7.24 3.78 -18.70
MN MN F . 20.36 -9.59 3.46
MN MN G . 18.42 -7.97 1.69
MN MN H . -8.71 13.70 15.65
MN MN I . -5.66 12.44 14.26
C1 A1IFX J . -2.63 14.57 22.19
C2 A1IFX J . -2.24 13.38 21.30
C3 A1IFX J . -2.28 13.67 19.78
O5 A1IFX J . -2.06 15.77 22.01
C8 A1IFX J . -0.92 14.27 19.36
C10 A1IFX J . -3.99 14.22 17.91
C11 A1IFX J . -5.35 14.88 17.69
C4 A1IFX J . -3.48 14.55 19.33
O6 A1IFX J . -3.42 14.46 23.10
N7 A1IFX J . -3.07 12.20 21.60
N9 A1IFX J . 0.09 13.21 19.31
B12 A1IFX J . -5.95 14.72 16.20
O13 A1IFX J . -5.08 15.16 15.24
O14 A1IFX J . -6.25 13.40 15.96
O15 A1IFX J . -7.11 15.45 16.12
#